data_8BIT
#
_entry.id   8BIT
#
_cell.length_a   105.806
_cell.length_b   93.190
_cell.length_c   131.685
_cell.angle_alpha   90.00
_cell.angle_beta   91.12
_cell.angle_gamma   90.00
#
_symmetry.space_group_name_H-M   'C 1 2 1'
#
loop_
_entity.id
_entity.type
_entity.pdbx_description
1 polymer '4-hydroxybutyrate--CoA ligase 1'
2 non-polymer '[[(2~{R},3~{S},4~{R},5~{R})-5-(6-aminopurin-9-yl)-3,4-bis(oxidanyl)oxolan-2-yl]methoxy-oxidanyl-phosphoryl] ethanoate'
3 non-polymer 'COENZYME A'
#
_entity_poly.entity_id   1
_entity_poly.type   'polypeptide(L)'
_entity_poly.pdbx_seq_one_letter_code
;MHHHHHHVTVQDFFRKFIEFQNSPNEKSLQEIVKLVGQLDLRRFNWVRDVFEDIHVKERGSKTALIWRDINTGEEAKLSY
HELSLMSNRVLSTLRKHGLKKGDVVYLMTKVHPMHWAVFLAVIKGGFVMVPSATNLTVAEMKYRFSDLKPSAIISDSLRA
SVMEEALGSLKVEKFLIDGKRETWNSLEDESSNAEPEDTRGEDVIINYFTSGTTGMPKRVIHTAVSYPVGSITTASIVGV
RESDLHLNLSATGWAKFAWSSFFSPLLVGATVVGINYEGKLDTRRYLGEVENLGVTSFCAPPTAWRQFITLDLDQFRFER
LRSVVSAGEPLNPEVIKIWKDKFNLTIRDFYGQTETTAMVGNFPFLKVKPGSMGKPHPLYDIRLLDDEGKEITKPYEVGH
ITVKLNPRPIGLFLGYSDEKKNMESFREGYYYTGDKAYFDEEGYFYFVGRGDDVIKTSDYRVGPFEVESALLEHPAVAEA
AVVGVPDTVRWQLVKAYIVLKKGYMPSKELAEEIREKMKTLLSPYKVPRIIEFVDELPKTISGKIRRVELRKREEEKRKK
GEVGQNEYVF
;
_entity_poly.pdbx_strand_id   B,A
#
loop_
_chem_comp.id
_chem_comp.type
_chem_comp.name
_chem_comp.formula
6R9 non-polymer '[[(2~{R},3~{S},4~{R},5~{R})-5-(6-aminopurin-9-yl)-3,4-bis(oxidanyl)oxolan-2-yl]methoxy-oxidanyl-phosphoryl] ethanoate' 'C12 H16 N5 O8 P'
COA non-polymer 'COENZYME A' 'C21 H36 N7 O16 P3 S'
#
# COMPACT_ATOMS: atom_id res chain seq x y z
N VAL A 8 8.61 -40.56 -18.88
CA VAL A 8 9.18 -39.57 -19.82
C VAL A 8 10.48 -39.01 -19.26
N THR A 9 11.64 -39.58 -19.65
CA THR A 9 12.91 -39.23 -19.01
C THR A 9 13.27 -37.80 -19.41
N VAL A 10 14.08 -37.16 -18.55
CA VAL A 10 14.53 -35.79 -18.76
C VAL A 10 15.09 -35.64 -20.17
N GLN A 11 16.07 -36.50 -20.51
CA GLN A 11 16.80 -36.40 -21.78
C GLN A 11 15.85 -36.63 -22.98
N ASP A 12 14.98 -37.65 -22.87
CA ASP A 12 13.98 -37.88 -23.90
C ASP A 12 13.19 -36.59 -24.13
N PHE A 13 12.78 -35.94 -23.05
CA PHE A 13 11.94 -34.75 -23.15
C PHE A 13 12.57 -33.67 -24.04
N PHE A 14 13.82 -33.32 -23.72
CA PHE A 14 14.48 -32.22 -24.39
C PHE A 14 14.75 -32.53 -25.86
N ARG A 15 15.00 -33.79 -26.20
CA ARG A 15 15.23 -34.12 -27.61
C ARG A 15 13.93 -33.98 -28.39
N LYS A 16 12.79 -34.30 -27.75
CA LYS A 16 11.50 -34.22 -28.41
C LYS A 16 11.11 -32.74 -28.56
N PHE A 17 11.53 -31.94 -27.59
CA PHE A 17 11.35 -30.50 -27.67
C PHE A 17 12.13 -29.95 -28.86
N ILE A 18 13.39 -30.37 -29.02
CA ILE A 18 14.24 -29.89 -30.10
C ILE A 18 13.59 -30.21 -31.44
N GLU A 19 12.99 -31.41 -31.59
CA GLU A 19 12.32 -31.79 -32.83
C GLU A 19 11.12 -30.89 -33.12
N PHE A 20 10.35 -30.62 -32.06
CA PHE A 20 9.21 -29.71 -32.16
C PHE A 20 9.66 -28.32 -32.60
N GLN A 21 10.88 -27.94 -32.23
CA GLN A 21 11.43 -26.64 -32.64
C GLN A 21 11.68 -26.59 -34.15
N ASN A 22 12.11 -27.71 -34.74
CA ASN A 22 12.45 -27.81 -36.16
C ASN A 22 11.21 -27.65 -37.03
N SER A 23 10.02 -27.81 -36.44
CA SER A 23 8.79 -27.34 -37.09
C SER A 23 7.68 -27.17 -36.05
N PRO A 24 7.50 -25.94 -35.51
CA PRO A 24 6.60 -25.70 -34.39
C PRO A 24 5.15 -25.59 -34.86
N ASN A 25 4.25 -25.97 -33.98
CA ASN A 25 2.86 -26.12 -34.35
C ASN A 25 2.09 -26.17 -33.03
N GLU A 26 0.85 -25.69 -33.05
CA GLU A 26 0.09 -25.66 -31.82
C GLU A 26 -0.14 -27.05 -31.21
N LYS A 27 -0.51 -28.06 -32.06
CA LYS A 27 -0.76 -29.44 -31.61
C LYS A 27 0.45 -29.91 -30.80
N SER A 28 1.59 -29.90 -31.50
CA SER A 28 2.82 -30.42 -30.95
C SER A 28 3.16 -29.65 -29.66
N LEU A 29 2.85 -28.34 -29.59
CA LEU A 29 3.03 -27.57 -28.36
C LEU A 29 2.21 -28.12 -27.18
N GLN A 30 0.93 -28.40 -27.42
CA GLN A 30 0.01 -28.89 -26.39
C GLN A 30 0.52 -30.21 -25.82
N GLU A 31 1.04 -31.03 -26.74
CA GLU A 31 1.68 -32.29 -26.41
C GLU A 31 2.85 -32.03 -25.46
N ILE A 32 3.77 -31.12 -25.82
CA ILE A 32 4.92 -30.80 -24.98
C ILE A 32 4.46 -30.42 -23.58
N VAL A 33 3.36 -29.65 -23.49
CA VAL A 33 2.80 -29.16 -22.24
C VAL A 33 2.46 -30.34 -21.31
N LYS A 34 1.77 -31.36 -21.83
CA LYS A 34 1.46 -32.53 -21.02
C LYS A 34 2.73 -33.23 -20.51
N LEU A 35 3.76 -33.29 -21.38
CA LEU A 35 4.98 -34.06 -21.14
C LEU A 35 5.80 -33.46 -20.00
N VAL A 36 5.76 -32.12 -19.94
CA VAL A 36 6.29 -31.36 -18.82
C VAL A 36 5.62 -31.84 -17.53
N GLY A 37 4.28 -31.93 -17.53
CA GLY A 37 3.52 -32.42 -16.41
C GLY A 37 4.08 -33.73 -15.86
N GLN A 38 4.64 -34.58 -16.73
CA GLN A 38 5.10 -35.90 -16.31
C GLN A 38 6.52 -35.93 -15.76
N LEU A 39 7.35 -34.91 -16.03
CA LEU A 39 8.76 -34.95 -15.64
C LEU A 39 8.93 -35.04 -14.11
N ASP A 40 9.95 -35.77 -13.67
CA ASP A 40 10.35 -35.74 -12.27
C ASP A 40 11.59 -34.89 -12.11
N LEU A 41 11.40 -33.63 -11.69
CA LEU A 41 12.50 -32.70 -11.54
C LEU A 41 12.76 -32.37 -10.08
N ARG A 42 12.48 -33.33 -9.21
CA ARG A 42 12.52 -33.06 -7.79
C ARG A 42 13.99 -32.99 -7.34
N ARG A 43 14.91 -33.67 -8.04
CA ARG A 43 16.33 -33.34 -8.00
C ARG A 43 16.84 -33.20 -9.43
N PHE A 44 17.47 -32.06 -9.72
CA PHE A 44 17.67 -31.64 -11.10
C PHE A 44 18.81 -30.61 -11.16
N ASN A 45 19.84 -30.93 -11.95
CA ASN A 45 20.96 -30.05 -12.22
C ASN A 45 21.04 -29.88 -13.73
N TRP A 46 20.87 -28.65 -14.22
CA TRP A 46 20.69 -28.39 -15.64
C TRP A 46 21.94 -28.76 -16.45
N VAL A 47 23.11 -28.45 -15.92
CA VAL A 47 24.36 -28.68 -16.62
C VAL A 47 24.56 -30.18 -16.75
N ARG A 48 24.60 -30.91 -15.62
CA ARG A 48 24.68 -32.37 -15.64
C ARG A 48 23.68 -32.90 -16.67
N ASP A 49 22.39 -32.68 -16.39
CA ASP A 49 21.27 -33.41 -16.98
C ASP A 49 20.99 -33.04 -18.44
N VAL A 50 21.37 -31.82 -18.87
CA VAL A 50 21.01 -31.32 -20.18
C VAL A 50 22.25 -30.91 -20.98
N PHE A 51 23.05 -29.98 -20.44
CA PHE A 51 24.22 -29.47 -21.13
C PHE A 51 25.16 -30.64 -21.47
N GLU A 52 25.62 -31.32 -20.41
CA GLU A 52 26.61 -32.37 -20.53
C GLU A 52 25.95 -33.57 -21.22
N ASP A 53 24.94 -34.12 -20.53
CA ASP A 53 24.28 -35.36 -20.91
C ASP A 53 23.85 -35.38 -22.37
N ILE A 54 23.26 -34.28 -22.83
CA ILE A 54 22.77 -34.23 -24.21
C ILE A 54 23.83 -33.62 -25.13
N HIS A 55 24.22 -32.35 -24.90
CA HIS A 55 24.98 -31.60 -25.88
C HIS A 55 26.45 -31.97 -25.87
N VAL A 56 27.10 -32.07 -24.69
CA VAL A 56 28.51 -32.43 -24.64
C VAL A 56 28.68 -33.86 -25.18
N LYS A 57 27.73 -34.73 -24.82
CA LYS A 57 27.75 -36.10 -25.30
C LYS A 57 27.61 -36.13 -26.82
N GLU A 58 26.48 -35.65 -27.36
CA GLU A 58 26.17 -35.75 -28.80
C GLU A 58 26.60 -34.55 -29.66
N ARG A 59 27.03 -33.44 -29.04
CA ARG A 59 27.51 -32.30 -29.82
C ARG A 59 28.80 -31.73 -29.25
N GLY A 60 29.60 -32.59 -28.60
CA GLY A 60 30.85 -32.20 -27.97
C GLY A 60 31.75 -31.33 -28.85
N SER A 61 31.92 -31.72 -30.12
CA SER A 61 32.81 -30.98 -31.02
C SER A 61 32.06 -29.92 -31.85
N LYS A 62 30.76 -29.75 -31.62
CA LYS A 62 30.02 -28.70 -32.31
C LYS A 62 30.39 -27.34 -31.71
N THR A 63 30.56 -26.34 -32.60
CA THR A 63 30.85 -24.98 -32.15
C THR A 63 29.65 -24.50 -31.32
N ALA A 64 29.87 -24.29 -30.02
CA ALA A 64 28.81 -23.91 -29.09
C ALA A 64 28.63 -22.39 -29.04
N LEU A 65 29.74 -21.65 -29.02
CA LEU A 65 29.72 -20.20 -28.88
C LEU A 65 30.71 -19.57 -29.86
N ILE A 66 30.25 -18.49 -30.45
CA ILE A 66 31.07 -17.58 -31.21
C ILE A 66 30.95 -16.20 -30.57
N TRP A 67 32.10 -15.58 -30.29
CA TRP A 67 32.19 -14.33 -29.56
C TRP A 67 33.04 -13.35 -30.35
N ARG A 68 32.59 -12.09 -30.41
CA ARG A 68 33.30 -11.05 -31.14
C ARG A 68 33.26 -9.78 -30.31
N ASP A 69 34.42 -9.15 -30.14
CA ASP A 69 34.45 -7.81 -29.60
C ASP A 69 34.55 -6.85 -30.78
N ILE A 70 33.52 -6.00 -30.95
CA ILE A 70 33.45 -5.10 -32.07
C ILE A 70 34.62 -4.13 -31.98
N ASN A 71 34.79 -3.57 -30.77
CA ASN A 71 35.70 -2.46 -30.59
C ASN A 71 37.11 -2.99 -30.84
N THR A 72 37.52 -4.02 -30.04
CA THR A 72 38.85 -4.57 -30.05
C THR A 72 39.10 -5.27 -31.39
N GLY A 73 38.21 -6.19 -31.77
CA GLY A 73 38.38 -6.99 -32.97
C GLY A 73 38.66 -8.44 -32.62
N GLU A 74 39.07 -8.65 -31.35
CA GLU A 74 39.28 -9.96 -30.74
C GLU A 74 38.12 -10.90 -31.07
N GLU A 75 38.44 -12.08 -31.63
CA GLU A 75 37.42 -13.04 -32.00
C GLU A 75 37.69 -14.35 -31.26
N ALA A 76 36.63 -15.13 -30.98
CA ALA A 76 36.74 -16.42 -30.31
C ALA A 76 35.64 -17.40 -30.77
N LYS A 77 35.91 -18.71 -30.61
CA LYS A 77 35.01 -19.79 -31.00
C LYS A 77 35.26 -20.95 -30.06
N LEU A 78 34.22 -21.45 -29.37
CA LEU A 78 34.39 -22.55 -28.42
C LEU A 78 33.36 -23.65 -28.68
N SER A 79 33.80 -24.91 -28.65
CA SER A 79 32.93 -26.06 -28.80
C SER A 79 32.26 -26.37 -27.45
N TYR A 80 31.16 -27.12 -27.50
CA TYR A 80 30.44 -27.51 -26.29
C TYR A 80 31.35 -28.21 -25.29
N HIS A 81 32.30 -29.04 -25.79
CA HIS A 81 33.23 -29.73 -24.91
C HIS A 81 34.15 -28.70 -24.29
N GLU A 82 34.91 -27.96 -25.11
CA GLU A 82 35.80 -26.91 -24.65
C GLU A 82 35.10 -26.10 -23.55
N LEU A 83 33.86 -25.74 -23.82
CA LEU A 83 33.04 -24.97 -22.90
C LEU A 83 32.79 -25.73 -21.60
N SER A 84 32.46 -27.02 -21.69
CA SER A 84 32.18 -27.78 -20.47
C SER A 84 33.43 -27.82 -19.59
N LEU A 85 34.60 -28.04 -20.20
CA LEU A 85 35.90 -28.07 -19.55
C LEU A 85 36.18 -26.75 -18.85
N MET A 86 35.81 -25.67 -19.54
CA MET A 86 35.98 -24.31 -19.06
C MET A 86 35.24 -24.12 -17.73
N SER A 87 33.94 -24.44 -17.77
CA SER A 87 33.06 -24.33 -16.63
C SER A 87 33.57 -25.18 -15.46
N ASN A 88 34.07 -26.37 -15.80
CA ASN A 88 34.59 -27.32 -14.84
C ASN A 88 35.81 -26.74 -14.13
N ARG A 89 36.70 -26.09 -14.92
CA ARG A 89 37.89 -25.45 -14.39
C ARG A 89 37.50 -24.47 -13.30
N VAL A 90 36.59 -23.59 -13.68
CA VAL A 90 36.24 -22.54 -12.76
C VAL A 90 35.58 -23.17 -11.53
N LEU A 91 34.67 -24.14 -11.74
CA LEU A 91 33.96 -24.69 -10.60
C LEU A 91 34.93 -25.27 -9.59
N SER A 92 35.91 -26.04 -10.07
CA SER A 92 37.03 -26.51 -9.25
C SER A 92 37.59 -25.34 -8.47
N THR A 93 38.07 -24.31 -9.21
CA THR A 93 38.78 -23.16 -8.64
C THR A 93 37.93 -22.48 -7.58
N LEU A 94 36.59 -22.48 -7.73
CA LEU A 94 35.70 -21.84 -6.77
C LEU A 94 35.64 -22.67 -5.49
N ARG A 95 35.32 -23.96 -5.62
CA ARG A 95 35.32 -24.88 -4.50
C ARG A 95 36.66 -24.81 -3.76
N LYS A 96 37.75 -24.71 -4.53
CA LYS A 96 39.12 -24.77 -4.04
C LYS A 96 39.44 -23.60 -3.13
N HIS A 97 38.86 -22.43 -3.45
CA HIS A 97 38.98 -21.20 -2.66
C HIS A 97 37.81 -21.06 -1.69
N GLY A 98 37.10 -22.17 -1.45
CA GLY A 98 36.33 -22.35 -0.23
C GLY A 98 34.84 -22.09 -0.43
N LEU A 99 34.30 -22.45 -1.60
CA LEU A 99 32.90 -22.19 -1.91
C LEU A 99 32.08 -23.48 -1.84
N LYS A 100 30.93 -23.32 -1.21
CA LYS A 100 29.99 -24.39 -0.95
C LYS A 100 28.66 -23.99 -1.61
N LYS A 101 27.77 -24.97 -1.85
CA LYS A 101 26.42 -24.77 -2.36
C LYS A 101 25.66 -23.76 -1.52
N GLY A 102 24.89 -22.89 -2.17
CA GLY A 102 24.14 -21.84 -1.48
C GLY A 102 24.95 -20.57 -1.21
N ASP A 103 26.27 -20.59 -1.51
CA ASP A 103 27.12 -19.42 -1.46
C ASP A 103 26.72 -18.41 -2.53
N VAL A 104 26.98 -17.14 -2.23
CA VAL A 104 26.50 -16.05 -3.05
C VAL A 104 27.64 -15.56 -3.93
N VAL A 105 27.34 -15.40 -5.22
CA VAL A 105 28.34 -15.03 -6.20
C VAL A 105 27.86 -13.87 -7.07
N TYR A 106 28.54 -12.73 -6.90
CA TYR A 106 28.26 -11.58 -7.74
C TYR A 106 29.06 -11.74 -9.04
N LEU A 107 28.35 -11.47 -10.14
CA LEU A 107 28.96 -11.57 -11.46
C LEU A 107 28.74 -10.28 -12.28
N MET A 108 29.86 -9.66 -12.63
CA MET A 108 29.85 -8.40 -13.32
C MET A 108 30.90 -8.48 -14.42
N THR A 109 30.47 -8.91 -15.63
CA THR A 109 31.43 -8.88 -16.73
C THR A 109 30.77 -8.38 -18.00
N LYS A 110 31.61 -7.83 -18.90
CA LYS A 110 31.30 -7.65 -20.32
C LYS A 110 30.96 -9.00 -20.94
N VAL A 111 30.24 -8.93 -22.06
CA VAL A 111 29.97 -10.13 -22.83
C VAL A 111 31.29 -10.76 -23.22
N HIS A 112 31.46 -12.00 -22.78
CA HIS A 112 32.75 -12.68 -22.88
C HIS A 112 32.52 -14.16 -22.61
N PRO A 113 33.28 -15.03 -23.30
CA PRO A 113 33.11 -16.48 -23.15
C PRO A 113 33.14 -16.90 -21.68
N MET A 114 33.97 -16.22 -20.88
CA MET A 114 34.07 -16.63 -19.50
C MET A 114 32.78 -16.28 -18.75
N HIS A 115 31.93 -15.39 -19.29
CA HIS A 115 30.63 -15.10 -18.67
C HIS A 115 29.78 -16.37 -18.62
N TRP A 116 29.81 -17.09 -19.75
CA TRP A 116 29.03 -18.28 -20.01
C TRP A 116 29.64 -19.44 -19.21
N ALA A 117 30.97 -19.49 -19.09
CA ALA A 117 31.63 -20.53 -18.30
C ALA A 117 31.18 -20.45 -16.83
N VAL A 118 31.08 -19.22 -16.34
CA VAL A 118 30.78 -18.98 -14.95
C VAL A 118 29.32 -19.29 -14.67
N PHE A 119 28.41 -18.89 -15.59
CA PHE A 119 27.01 -19.28 -15.53
C PHE A 119 26.87 -20.80 -15.37
N LEU A 120 27.63 -21.57 -16.17
CA LEU A 120 27.64 -23.02 -16.07
C LEU A 120 28.10 -23.45 -14.67
N ALA A 121 29.35 -23.12 -14.33
CA ALA A 121 29.90 -23.43 -13.02
C ALA A 121 28.85 -23.26 -11.93
N VAL A 122 28.19 -22.10 -11.92
CA VAL A 122 27.28 -21.70 -10.85
C VAL A 122 26.09 -22.65 -10.77
N ILE A 123 25.49 -22.97 -11.91
CA ILE A 123 24.32 -23.83 -11.88
C ILE A 123 24.74 -25.25 -11.49
N LYS A 124 25.94 -25.62 -11.99
CA LYS A 124 26.52 -26.93 -11.76
C LYS A 124 26.82 -27.08 -10.28
N GLY A 125 27.42 -26.05 -9.66
CA GLY A 125 27.82 -26.06 -8.25
C GLY A 125 26.70 -25.68 -7.26
N GLY A 126 25.51 -25.35 -7.75
CA GLY A 126 24.36 -25.07 -6.90
C GLY A 126 24.52 -23.73 -6.16
N PHE A 127 25.43 -22.89 -6.65
CA PHE A 127 25.66 -21.57 -6.09
C PHE A 127 24.56 -20.60 -6.53
N VAL A 128 24.36 -19.54 -5.70
CA VAL A 128 23.37 -18.50 -5.90
C VAL A 128 24.05 -17.28 -6.52
N MET A 129 23.70 -16.93 -7.74
CA MET A 129 24.44 -15.85 -8.38
C MET A 129 23.57 -14.62 -8.46
N VAL A 130 24.26 -13.48 -8.37
CA VAL A 130 23.68 -12.15 -8.52
C VAL A 130 24.29 -11.50 -9.74
N PRO A 131 23.55 -11.52 -10.87
CA PRO A 131 24.07 -10.92 -12.09
C PRO A 131 24.03 -9.40 -11.91
N SER A 132 25.17 -8.80 -12.23
CA SER A 132 25.36 -7.39 -11.99
C SER A 132 25.79 -6.77 -13.31
N ALA A 133 25.02 -5.79 -13.79
CA ALA A 133 25.36 -5.06 -15.00
C ALA A 133 26.66 -4.31 -14.76
N THR A 134 27.35 -3.96 -15.86
CA THR A 134 28.64 -3.30 -15.71
C THR A 134 28.47 -1.77 -15.60
N ASN A 135 27.22 -1.30 -15.48
CA ASN A 135 26.95 0.12 -15.38
C ASN A 135 27.07 0.59 -13.94
N LEU A 136 26.78 -0.38 -13.05
CA LEU A 136 26.37 -0.11 -11.69
C LEU A 136 27.50 0.64 -11.01
N THR A 137 27.08 1.59 -10.17
CA THR A 137 28.02 2.54 -9.57
C THR A 137 28.49 1.90 -8.28
N VAL A 138 29.65 2.36 -7.83
CA VAL A 138 30.15 1.91 -6.56
C VAL A 138 29.04 2.04 -5.51
N ALA A 139 28.36 3.18 -5.51
CA ALA A 139 27.23 3.42 -4.63
C ALA A 139 26.23 2.26 -4.67
N GLU A 140 25.76 1.94 -5.89
CA GLU A 140 24.77 0.90 -6.06
C GLU A 140 25.30 -0.47 -5.59
N MET A 141 26.58 -0.76 -5.84
CA MET A 141 27.12 -2.04 -5.44
C MET A 141 27.15 -2.16 -3.91
N LYS A 142 27.43 -1.05 -3.24
CA LYS A 142 27.43 -1.03 -1.77
C LYS A 142 26.04 -1.34 -1.24
N TYR A 143 25.01 -0.83 -1.92
CA TYR A 143 23.64 -1.17 -1.63
C TYR A 143 23.42 -2.68 -1.71
N ARG A 144 23.80 -3.25 -2.85
CA ARG A 144 23.57 -4.65 -3.12
C ARG A 144 24.18 -5.52 -2.01
N PHE A 145 25.45 -5.25 -1.71
CA PHE A 145 26.17 -5.99 -0.69
C PHE A 145 25.47 -5.81 0.65
N SER A 146 25.05 -4.59 0.93
CA SER A 146 24.34 -4.34 2.16
C SER A 146 23.16 -5.30 2.26
N ASP A 147 22.48 -5.58 1.14
CA ASP A 147 21.26 -6.38 1.17
C ASP A 147 21.61 -7.87 1.23
N LEU A 148 22.59 -8.29 0.43
CA LEU A 148 23.00 -9.69 0.44
C LEU A 148 24.51 -9.80 0.37
N LYS A 149 25.12 -10.22 1.48
CA LYS A 149 26.57 -10.29 1.56
C LYS A 149 27.16 -11.27 0.55
N PRO A 150 28.28 -10.93 -0.11
CA PRO A 150 28.93 -11.86 -1.04
C PRO A 150 29.96 -12.81 -0.44
N SER A 151 29.90 -14.07 -0.86
CA SER A 151 31.01 -14.97 -0.62
C SER A 151 32.11 -14.68 -1.64
N ALA A 152 31.67 -14.36 -2.86
CA ALA A 152 32.58 -14.41 -3.99
C ALA A 152 32.21 -13.37 -5.04
N ILE A 153 33.25 -12.96 -5.80
CA ILE A 153 33.17 -11.85 -6.73
C ILE A 153 33.94 -12.20 -7.99
N ILE A 154 33.31 -11.93 -9.15
CA ILE A 154 33.95 -12.17 -10.43
C ILE A 154 33.63 -11.02 -11.36
N SER A 155 34.68 -10.35 -11.88
CA SER A 155 34.57 -9.16 -12.71
C SER A 155 35.58 -9.22 -13.85
N ASP A 156 35.38 -8.41 -14.90
CA ASP A 156 36.38 -8.27 -15.93
C ASP A 156 37.38 -7.21 -15.49
N SER A 157 38.44 -7.08 -16.27
CA SER A 157 39.55 -6.18 -16.01
C SER A 157 39.07 -4.79 -15.58
N LEU A 158 38.16 -4.21 -16.38
CA LEU A 158 37.85 -2.79 -16.39
C LEU A 158 37.03 -2.38 -15.17
N ARG A 159 36.04 -3.19 -14.81
CA ARG A 159 35.18 -2.83 -13.70
C ARG A 159 35.74 -3.44 -12.41
N ALA A 160 37.01 -3.88 -12.41
CA ALA A 160 37.66 -4.33 -11.19
C ALA A 160 37.63 -3.23 -10.14
N SER A 161 38.17 -2.06 -10.53
CA SER A 161 38.17 -0.83 -9.77
C SER A 161 36.93 -0.70 -8.90
N VAL A 162 35.77 -0.65 -9.58
CA VAL A 162 34.49 -0.37 -8.96
C VAL A 162 34.12 -1.45 -7.92
N MET A 163 34.28 -2.73 -8.25
CA MET A 163 33.97 -3.78 -7.29
C MET A 163 34.85 -3.63 -6.06
N GLU A 164 36.15 -3.45 -6.28
CA GLU A 164 37.15 -3.29 -5.23
C GLU A 164 36.67 -2.25 -4.21
N GLU A 165 36.33 -1.08 -4.72
CA GLU A 165 35.94 0.06 -3.90
C GLU A 165 34.69 -0.27 -3.11
N ALA A 166 33.73 -0.99 -3.70
CA ALA A 166 32.50 -1.36 -3.01
C ALA A 166 32.79 -2.47 -2.00
N LEU A 167 33.71 -3.35 -2.38
CA LEU A 167 34.10 -4.46 -1.55
C LEU A 167 35.20 -4.08 -0.58
N GLY A 168 35.57 -2.79 -0.52
CA GLY A 168 36.62 -2.37 0.40
C GLY A 168 36.37 -2.96 1.79
N SER A 169 35.07 -2.92 2.14
CA SER A 169 34.41 -3.47 3.32
C SER A 169 35.05 -4.74 3.94
N LEU A 170 35.16 -5.80 3.13
CA LEU A 170 35.51 -7.13 3.61
C LEU A 170 36.62 -7.72 2.74
N LYS A 171 37.05 -8.93 3.13
CA LYS A 171 37.74 -9.85 2.25
C LYS A 171 36.76 -10.98 1.96
N VAL A 172 36.55 -11.24 0.67
CA VAL A 172 35.81 -12.38 0.17
C VAL A 172 36.59 -12.89 -1.03
N GLU A 173 36.31 -14.09 -1.51
CA GLU A 173 37.03 -14.58 -2.66
C GLU A 173 36.83 -13.67 -3.88
N LYS A 174 37.93 -13.32 -4.54
CA LYS A 174 37.94 -12.33 -5.59
C LYS A 174 38.57 -12.90 -6.87
N PHE A 175 37.82 -12.86 -7.99
CA PHE A 175 38.28 -13.47 -9.22
C PHE A 175 38.08 -12.55 -10.41
N LEU A 176 38.82 -12.79 -11.49
CA LEU A 176 38.84 -11.91 -12.64
C LEU A 176 38.80 -12.75 -13.93
N ILE A 177 38.45 -12.11 -15.05
CA ILE A 177 38.50 -12.72 -16.38
C ILE A 177 39.84 -12.44 -17.08
N ASP A 178 40.67 -11.52 -16.54
CA ASP A 178 41.94 -11.10 -17.11
C ASP A 178 43.03 -11.18 -16.02
N GLY A 179 44.15 -10.43 -16.12
CA GLY A 179 45.29 -10.66 -15.23
C GLY A 179 45.77 -9.42 -14.46
N LYS A 180 45.40 -9.29 -13.16
CA LYS A 180 45.67 -8.08 -12.39
C LYS A 180 46.33 -8.45 -11.06
N ARG A 181 46.80 -7.45 -10.31
CA ARG A 181 47.90 -7.64 -9.39
C ARG A 181 47.44 -8.25 -8.06
N GLU A 182 46.23 -7.89 -7.58
CA GLU A 182 45.92 -8.16 -6.18
C GLU A 182 44.58 -8.86 -6.01
N THR A 183 44.57 -9.92 -5.21
CA THR A 183 43.36 -10.72 -4.98
C THR A 183 42.68 -10.96 -6.33
N TRP A 184 43.47 -11.38 -7.31
CA TRP A 184 42.96 -11.54 -8.66
C TRP A 184 43.26 -12.94 -9.13
N ASN A 185 42.50 -13.91 -8.63
CA ASN A 185 42.79 -15.29 -8.93
C ASN A 185 42.04 -15.62 -10.21
N SER A 186 42.73 -16.30 -11.15
CA SER A 186 42.06 -16.81 -12.33
C SER A 186 41.25 -18.02 -11.90
N LEU A 187 40.20 -18.32 -12.68
CA LEU A 187 39.40 -19.50 -12.45
C LEU A 187 39.87 -20.66 -13.34
N GLU A 188 40.98 -20.47 -14.05
CA GLU A 188 41.41 -21.44 -15.04
C GLU A 188 42.36 -22.47 -14.44
N ASP A 189 42.55 -22.46 -13.12
CA ASP A 189 43.54 -23.31 -12.45
C ASP A 189 43.31 -24.80 -12.72
N GLU A 190 42.14 -25.37 -12.38
CA GLU A 190 42.03 -26.83 -12.38
C GLU A 190 40.76 -27.36 -13.05
N SER A 191 40.87 -28.32 -14.00
CA SER A 191 39.66 -28.92 -14.55
C SER A 191 39.02 -29.86 -13.52
N SER A 192 39.85 -30.51 -12.69
CA SER A 192 39.44 -31.58 -11.79
C SER A 192 38.69 -31.03 -10.56
N ASN A 193 37.78 -31.85 -9.99
CA ASN A 193 36.83 -31.46 -8.95
C ASN A 193 35.56 -30.91 -9.61
N ALA A 194 35.35 -31.30 -10.88
CA ALA A 194 34.21 -30.84 -11.67
C ALA A 194 33.06 -31.83 -11.56
N GLU A 195 32.56 -31.94 -10.33
CA GLU A 195 31.59 -32.95 -9.93
C GLU A 195 30.25 -32.26 -9.69
N PRO A 196 29.17 -32.58 -10.45
CA PRO A 196 27.90 -31.89 -10.26
C PRO A 196 27.49 -31.89 -8.78
N GLU A 197 26.90 -30.79 -8.35
CA GLU A 197 26.25 -30.70 -7.05
C GLU A 197 24.84 -31.25 -7.21
N ASP A 198 24.47 -32.13 -6.27
CA ASP A 198 23.13 -32.71 -6.30
C ASP A 198 22.15 -31.62 -5.92
N THR A 199 21.65 -30.86 -6.90
CA THR A 199 20.74 -29.77 -6.58
C THR A 199 19.32 -30.30 -6.70
N ARG A 200 18.46 -29.88 -5.76
CA ARG A 200 17.04 -30.18 -5.80
C ARG A 200 16.43 -29.18 -6.79
N GLY A 201 15.33 -29.60 -7.44
CA GLY A 201 14.65 -28.76 -8.42
C GLY A 201 14.45 -27.37 -7.86
N GLU A 202 14.01 -27.33 -6.59
CA GLU A 202 13.59 -26.11 -5.90
C GLU A 202 14.73 -25.39 -5.19
N ASP A 203 15.98 -25.71 -5.54
CA ASP A 203 17.12 -24.99 -4.97
C ASP A 203 17.37 -23.72 -5.78
N VAL A 204 17.77 -22.66 -5.07
CA VAL A 204 17.98 -21.34 -5.66
C VAL A 204 19.37 -21.26 -6.28
N ILE A 205 19.45 -20.67 -7.47
CA ILE A 205 20.73 -20.48 -8.12
C ILE A 205 20.88 -19.06 -8.68
N ILE A 206 19.76 -18.33 -8.84
CA ILE A 206 19.85 -16.98 -9.37
C ILE A 206 19.02 -16.03 -8.51
N ASN A 207 19.66 -14.89 -8.22
CA ASN A 207 19.06 -13.77 -7.52
C ASN A 207 19.25 -12.51 -8.35
N TYR A 208 18.14 -12.00 -8.90
CA TYR A 208 18.15 -10.77 -9.69
C TYR A 208 17.72 -9.60 -8.79
N PHE A 209 18.46 -8.48 -8.80
CA PHE A 209 18.03 -7.26 -8.09
C PHE A 209 17.13 -6.38 -8.95
N THR A 210 15.81 -6.40 -8.69
CA THR A 210 14.81 -5.81 -9.57
C THR A 210 14.15 -4.60 -8.92
N SER A 211 13.93 -3.55 -9.73
CA SER A 211 13.52 -2.24 -9.24
C SER A 211 12.03 -2.27 -8.96
N GLY A 212 11.66 -1.75 -7.80
CA GLY A 212 10.27 -1.71 -7.39
C GLY A 212 9.77 -0.28 -7.52
N THR A 213 8.47 -0.15 -7.83
CA THR A 213 7.77 1.13 -7.74
C THR A 213 8.06 1.83 -6.40
N THR A 214 7.64 1.26 -5.27
CA THR A 214 7.61 2.00 -4.01
C THR A 214 9.02 2.31 -3.53
N GLY A 215 9.99 1.43 -3.76
CA GLY A 215 11.19 1.54 -2.95
C GLY A 215 12.46 1.17 -3.69
N MET A 216 13.47 0.90 -2.83
CA MET A 216 14.78 0.48 -3.24
C MET A 216 14.69 -0.95 -3.77
N PRO A 217 15.54 -1.36 -4.73
CA PRO A 217 15.34 -2.63 -5.44
C PRO A 217 15.44 -3.77 -4.45
N LYS A 218 14.58 -4.80 -4.63
CA LYS A 218 14.68 -6.05 -3.89
C LYS A 218 15.14 -7.15 -4.85
N ARG A 219 15.25 -8.39 -4.35
CA ARG A 219 15.74 -9.52 -5.15
C ARG A 219 14.63 -10.52 -5.48
N VAL A 220 14.59 -10.92 -6.75
CA VAL A 220 13.75 -12.05 -7.15
C VAL A 220 14.61 -13.31 -7.18
N ILE A 221 13.97 -14.41 -6.75
CA ILE A 221 14.62 -15.66 -6.44
C ILE A 221 14.19 -16.76 -7.44
N HIS A 222 15.19 -17.29 -8.16
CA HIS A 222 14.98 -18.27 -9.21
C HIS A 222 15.80 -19.54 -8.92
N THR A 223 15.16 -20.69 -9.13
CA THR A 223 15.70 -22.00 -8.76
C THR A 223 16.41 -22.63 -9.95
N ALA A 224 16.94 -23.86 -9.71
CA ALA A 224 17.63 -24.67 -10.71
C ALA A 224 16.64 -25.34 -11.64
N VAL A 225 15.33 -25.02 -11.50
CA VAL A 225 14.30 -25.44 -12.45
C VAL A 225 13.55 -24.24 -13.03
N SER A 226 13.28 -23.20 -12.22
CA SER A 226 12.44 -22.09 -12.67
C SER A 226 12.96 -21.53 -13.99
N TYR A 227 14.21 -21.05 -14.00
CA TYR A 227 14.76 -20.46 -15.22
C TYR A 227 15.22 -21.56 -16.18
N PRO A 228 16.08 -22.50 -15.72
CA PRO A 228 16.70 -23.45 -16.63
C PRO A 228 15.72 -24.26 -17.49
N VAL A 229 14.49 -24.44 -16.99
CA VAL A 229 13.49 -25.18 -17.75
C VAL A 229 12.29 -24.29 -18.06
N GLY A 230 11.87 -23.44 -17.14
CA GLY A 230 10.88 -22.44 -17.54
C GLY A 230 11.28 -21.70 -18.84
N SER A 231 12.60 -21.57 -19.06
CA SER A 231 13.16 -20.94 -20.23
C SER A 231 12.65 -21.60 -21.51
N ILE A 232 11.89 -22.69 -21.44
CA ILE A 232 11.38 -23.33 -22.65
C ILE A 232 10.18 -22.56 -23.18
N THR A 233 9.47 -21.90 -22.27
CA THR A 233 8.42 -20.98 -22.66
C THR A 233 9.06 -20.03 -23.67
N THR A 234 10.04 -19.27 -23.16
CA THR A 234 10.88 -18.38 -23.96
C THR A 234 11.30 -19.02 -25.29
N ALA A 235 11.92 -20.21 -25.25
CA ALA A 235 12.46 -20.86 -26.45
C ALA A 235 11.38 -21.32 -27.45
N SER A 236 10.23 -21.76 -26.95
CA SER A 236 9.13 -22.11 -27.83
C SER A 236 8.65 -20.90 -28.61
N ILE A 237 8.62 -19.75 -27.91
CA ILE A 237 8.11 -18.51 -28.47
C ILE A 237 9.08 -17.94 -29.52
N VAL A 238 10.36 -17.74 -29.18
CA VAL A 238 11.37 -17.45 -30.18
C VAL A 238 11.80 -18.77 -30.83
N GLY A 239 11.27 -19.12 -31.99
CA GLY A 239 11.55 -20.47 -32.51
C GLY A 239 13.04 -20.73 -32.79
N VAL A 240 13.79 -21.20 -31.78
CA VAL A 240 15.23 -21.38 -31.93
C VAL A 240 15.50 -22.87 -32.10
N ARG A 241 16.45 -23.21 -33.00
CA ARG A 241 16.72 -24.61 -33.41
C ARG A 241 18.19 -24.96 -33.18
N GLU A 242 18.48 -26.25 -33.31
CA GLU A 242 19.83 -26.76 -33.10
C GLU A 242 20.76 -26.12 -34.13
N SER A 243 20.28 -26.03 -35.39
CA SER A 243 21.08 -25.59 -36.52
C SER A 243 21.44 -24.11 -36.38
N ASP A 244 20.56 -23.39 -35.68
CA ASP A 244 20.61 -21.94 -35.54
C ASP A 244 21.91 -21.39 -34.98
N LEU A 245 22.29 -20.26 -35.56
CA LEU A 245 23.18 -19.30 -34.92
C LEU A 245 22.32 -18.28 -34.19
N HIS A 246 22.36 -18.26 -32.86
CA HIS A 246 21.46 -17.36 -32.11
C HIS A 246 22.20 -16.13 -31.55
N LEU A 247 21.56 -14.95 -31.63
CA LEU A 247 22.10 -13.70 -31.09
C LEU A 247 21.02 -12.97 -30.27
N ASN A 248 21.39 -12.48 -29.09
CA ASN A 248 20.51 -11.63 -28.28
C ASN A 248 21.24 -10.33 -27.95
N LEU A 249 20.56 -9.20 -28.17
CA LEU A 249 21.08 -7.92 -27.70
C LEU A 249 20.55 -7.64 -26.29
N SER A 250 21.33 -8.01 -25.29
CA SER A 250 20.96 -7.69 -23.92
C SER A 250 22.24 -7.37 -23.15
N ALA A 251 22.15 -6.55 -22.09
CA ALA A 251 23.30 -6.24 -21.26
C ALA A 251 23.47 -7.34 -20.22
N THR A 252 24.73 -7.66 -19.88
CA THR A 252 24.99 -8.68 -18.86
C THR A 252 24.36 -8.15 -17.58
N GLY A 253 23.86 -9.04 -16.71
CA GLY A 253 23.36 -8.59 -15.42
C GLY A 253 21.85 -8.38 -15.36
N TRP A 254 21.12 -8.80 -16.41
CA TRP A 254 19.67 -8.71 -16.43
C TRP A 254 19.07 -10.02 -16.93
N ALA A 255 17.73 -10.13 -16.81
CA ALA A 255 17.01 -11.35 -17.18
C ALA A 255 17.17 -11.69 -18.66
N LYS A 256 16.76 -10.79 -19.55
CA LYS A 256 16.80 -11.02 -20.99
C LYS A 256 18.08 -11.76 -21.41
N PHE A 257 19.21 -11.50 -20.75
CA PHE A 257 20.46 -12.18 -21.08
C PHE A 257 20.34 -13.68 -20.79
N ALA A 258 19.96 -14.00 -19.53
CA ALA A 258 19.78 -15.38 -19.10
C ALA A 258 18.81 -16.09 -20.06
N TRP A 259 17.69 -15.44 -20.37
CA TRP A 259 16.74 -15.97 -21.32
C TRP A 259 17.34 -16.25 -22.69
N SER A 260 17.59 -15.20 -23.51
CA SER A 260 17.83 -15.40 -24.93
C SER A 260 19.31 -15.56 -25.24
N SER A 261 20.17 -15.08 -24.35
CA SER A 261 21.58 -15.26 -24.64
C SER A 261 22.07 -16.60 -24.10
N PHE A 262 21.61 -17.02 -22.92
CA PHE A 262 22.13 -18.24 -22.32
C PHE A 262 21.19 -19.44 -22.44
N PHE A 263 20.03 -19.46 -21.79
CA PHE A 263 19.27 -20.71 -21.66
C PHE A 263 18.61 -21.14 -22.98
N SER A 264 17.77 -20.28 -23.56
CA SER A 264 17.06 -20.64 -24.77
C SER A 264 17.97 -21.27 -25.83
N PRO A 265 19.18 -20.75 -26.19
CA PRO A 265 19.99 -21.34 -27.25
C PRO A 265 20.56 -22.69 -26.85
N LEU A 266 21.10 -22.72 -25.63
CA LEU A 266 21.80 -23.90 -25.12
C LEU A 266 20.83 -25.05 -24.80
N LEU A 267 19.53 -24.79 -24.59
CA LEU A 267 18.50 -25.82 -24.50
C LEU A 267 18.53 -26.71 -25.74
N VAL A 268 18.49 -26.06 -26.91
CA VAL A 268 18.30 -26.75 -28.17
C VAL A 268 19.64 -27.13 -28.78
N GLY A 269 20.76 -26.84 -28.08
CA GLY A 269 22.10 -27.11 -28.58
C GLY A 269 22.44 -26.26 -29.80
N ALA A 270 21.92 -25.03 -29.83
CA ALA A 270 22.21 -24.08 -30.90
C ALA A 270 23.64 -23.58 -30.75
N THR A 271 24.08 -22.80 -31.74
CA THR A 271 25.32 -22.06 -31.67
C THR A 271 25.01 -20.64 -31.20
N VAL A 272 25.58 -20.29 -30.04
CA VAL A 272 25.39 -18.99 -29.40
C VAL A 272 26.28 -17.97 -30.06
N VAL A 273 25.79 -16.76 -30.21
CA VAL A 273 26.64 -15.68 -30.65
C VAL A 273 26.59 -14.56 -29.61
N GLY A 274 27.78 -14.15 -29.15
CA GLY A 274 27.93 -13.03 -28.24
C GLY A 274 28.74 -11.92 -28.88
N ILE A 275 28.18 -10.72 -28.91
CA ILE A 275 28.90 -9.59 -29.43
C ILE A 275 29.14 -8.56 -28.31
N ASN A 276 30.39 -8.26 -28.00
CA ASN A 276 30.66 -7.34 -26.92
C ASN A 276 31.08 -5.99 -27.48
N TYR A 277 30.40 -4.90 -27.04
CA TYR A 277 30.77 -3.55 -27.47
C TYR A 277 30.71 -2.62 -26.26
N GLU A 278 31.60 -1.63 -26.21
CA GLU A 278 31.58 -0.69 -25.11
C GLU A 278 30.90 0.60 -25.52
N GLY A 279 30.17 1.17 -24.56
CA GLY A 279 29.50 2.43 -24.79
C GLY A 279 28.22 2.27 -25.60
N LYS A 280 28.03 3.20 -26.54
CA LYS A 280 26.79 3.31 -27.26
C LYS A 280 26.83 2.39 -28.47
N LEU A 281 25.62 1.99 -28.86
CA LEU A 281 25.36 1.04 -29.93
C LEU A 281 25.66 1.71 -31.26
N ASP A 282 26.66 1.15 -31.94
CA ASP A 282 26.89 1.48 -33.34
C ASP A 282 25.85 0.70 -34.14
N THR A 283 24.70 1.34 -34.28
CA THR A 283 23.51 0.71 -34.81
C THR A 283 23.85 -0.05 -36.12
N ARG A 284 24.58 0.61 -37.03
CA ARG A 284 24.91 0.03 -38.31
C ARG A 284 25.97 -1.05 -38.15
N ARG A 285 27.09 -0.72 -37.50
CA ARG A 285 28.21 -1.63 -37.33
C ARG A 285 27.72 -2.94 -36.70
N TYR A 286 26.76 -2.85 -35.75
CA TYR A 286 26.25 -4.05 -35.09
C TYR A 286 25.59 -4.99 -36.10
N LEU A 287 24.57 -4.50 -36.80
CA LEU A 287 23.90 -5.24 -37.87
C LEU A 287 24.89 -5.74 -38.92
N GLY A 288 25.94 -4.96 -39.19
CA GLY A 288 26.99 -5.41 -40.09
C GLY A 288 27.61 -6.71 -39.62
N GLU A 289 27.90 -6.77 -38.31
CA GLU A 289 28.43 -7.98 -37.71
C GLU A 289 27.41 -9.10 -37.79
N VAL A 290 26.13 -8.77 -37.59
CA VAL A 290 25.08 -9.78 -37.67
C VAL A 290 25.12 -10.49 -39.02
N GLU A 291 25.17 -9.71 -40.12
CA GLU A 291 25.12 -10.23 -41.48
C GLU A 291 26.43 -10.97 -41.79
N ASN A 292 27.52 -10.39 -41.28
CA ASN A 292 28.87 -10.83 -41.57
C ASN A 292 29.21 -12.11 -40.80
N LEU A 293 28.43 -12.44 -39.75
CA LEU A 293 28.59 -13.69 -39.02
C LEU A 293 27.59 -14.72 -39.52
N GLY A 294 26.51 -14.26 -40.20
CA GLY A 294 25.46 -15.16 -40.64
C GLY A 294 24.62 -15.70 -39.48
N VAL A 295 24.18 -14.81 -38.59
CA VAL A 295 23.22 -15.15 -37.55
C VAL A 295 21.88 -15.45 -38.18
N THR A 296 21.28 -16.58 -37.79
CA THR A 296 20.01 -17.00 -38.35
C THR A 296 18.85 -16.70 -37.42
N SER A 297 19.10 -16.66 -36.10
CA SER A 297 18.06 -16.25 -35.16
C SER A 297 18.54 -15.08 -34.30
N PHE A 298 17.76 -13.99 -34.24
CA PHE A 298 18.19 -12.76 -33.59
C PHE A 298 17.10 -12.18 -32.71
N CYS A 299 17.45 -11.79 -31.47
CA CYS A 299 16.54 -11.14 -30.54
C CYS A 299 17.16 -9.82 -30.13
N ALA A 300 16.34 -8.77 -30.03
CA ALA A 300 16.80 -7.44 -29.67
C ALA A 300 15.68 -6.72 -28.92
N PRO A 301 16.00 -5.91 -27.89
CA PRO A 301 15.00 -5.12 -27.19
C PRO A 301 14.38 -4.12 -28.18
N PRO A 302 13.08 -3.78 -28.05
CA PRO A 302 12.43 -2.85 -28.99
C PRO A 302 13.23 -1.57 -29.22
N THR A 303 13.86 -1.01 -28.17
CA THR A 303 14.60 0.23 -28.28
C THR A 303 15.63 0.15 -29.40
N ALA A 304 16.33 -0.98 -29.50
CA ALA A 304 17.28 -1.21 -30.58
C ALA A 304 16.59 -1.23 -31.95
N TRP A 305 15.46 -1.95 -32.06
CA TRP A 305 14.75 -2.05 -33.34
C TRP A 305 14.41 -0.66 -33.87
N ARG A 306 13.93 0.20 -32.94
CA ARG A 306 13.59 1.59 -33.23
C ARG A 306 14.77 2.32 -33.88
N GLN A 307 15.98 2.04 -33.40
CA GLN A 307 17.20 2.63 -33.93
C GLN A 307 17.58 2.08 -35.30
N PHE A 308 17.20 0.83 -35.55
CA PHE A 308 17.61 0.12 -36.76
C PHE A 308 16.83 0.60 -37.97
N ILE A 309 15.57 0.99 -37.77
CA ILE A 309 14.64 1.47 -38.81
C ILE A 309 15.18 2.69 -39.59
N THR A 310 15.90 3.54 -38.83
CA THR A 310 16.32 4.85 -39.27
C THR A 310 17.44 4.72 -40.31
N LEU A 311 17.93 3.48 -40.55
CA LEU A 311 19.08 3.26 -41.42
C LEU A 311 18.57 3.14 -42.85
N ASP A 312 19.51 3.39 -43.78
CA ASP A 312 19.36 2.97 -45.15
C ASP A 312 19.50 1.46 -45.13
N LEU A 313 18.35 0.76 -45.16
CA LEU A 313 18.32 -0.69 -45.00
C LEU A 313 18.71 -1.43 -46.31
N ASP A 314 18.62 -0.73 -47.44
CA ASP A 314 19.06 -1.23 -48.72
C ASP A 314 20.50 -1.73 -48.64
N GLN A 315 21.34 -1.23 -47.73
CA GLN A 315 22.75 -1.63 -47.69
C GLN A 315 22.98 -3.02 -47.06
N PHE A 316 21.89 -3.73 -46.67
CA PHE A 316 21.99 -5.03 -46.07
C PHE A 316 21.17 -6.05 -46.86
N ARG A 317 21.67 -7.28 -46.96
CA ARG A 317 20.94 -8.41 -47.53
C ARG A 317 21.02 -9.52 -46.51
N PHE A 318 20.03 -9.64 -45.62
CA PHE A 318 20.21 -10.53 -44.48
C PHE A 318 19.97 -11.97 -44.87
N GLU A 319 21.03 -12.59 -45.35
CA GLU A 319 20.95 -13.69 -46.31
C GLU A 319 20.44 -14.97 -45.65
N ARG A 320 21.00 -15.31 -44.48
CA ARG A 320 20.57 -16.50 -43.76
C ARG A 320 19.89 -16.11 -42.46
N LEU A 321 19.15 -15.03 -42.47
CA LEU A 321 18.45 -14.66 -41.26
C LEU A 321 17.00 -15.13 -41.34
N ARG A 322 16.59 -15.87 -40.30
CA ARG A 322 15.38 -16.66 -40.32
C ARG A 322 14.36 -16.23 -39.27
N SER A 323 14.80 -16.20 -37.99
CA SER A 323 13.99 -15.75 -36.86
C SER A 323 14.52 -14.41 -36.38
N VAL A 324 13.58 -13.46 -36.20
CA VAL A 324 13.80 -12.15 -35.59
C VAL A 324 12.70 -11.90 -34.55
N VAL A 325 13.11 -11.48 -33.35
CA VAL A 325 12.18 -11.38 -32.23
C VAL A 325 12.50 -10.16 -31.35
N SER A 326 11.58 -9.78 -30.44
CA SER A 326 11.67 -8.54 -29.65
C SER A 326 11.10 -8.79 -28.26
N ALA A 327 11.50 -8.01 -27.27
CA ALA A 327 10.95 -8.25 -25.95
C ALA A 327 11.47 -7.26 -24.91
N GLY A 328 10.59 -6.90 -23.95
CA GLY A 328 10.94 -6.04 -22.85
C GLY A 328 10.30 -4.64 -22.89
N GLU A 329 9.68 -4.30 -24.03
CA GLU A 329 8.93 -3.07 -24.23
C GLU A 329 7.90 -3.31 -25.35
N PRO A 330 6.90 -2.42 -25.57
CA PRO A 330 6.02 -2.51 -26.72
C PRO A 330 6.77 -2.32 -28.03
N LEU A 331 6.32 -3.06 -29.06
CA LEU A 331 6.91 -2.99 -30.39
C LEU A 331 5.95 -2.34 -31.40
N ASN A 332 6.30 -1.11 -31.78
CA ASN A 332 5.44 -0.22 -32.54
C ASN A 332 5.16 -0.89 -33.87
N PRO A 333 3.91 -0.97 -34.34
CA PRO A 333 3.64 -1.56 -35.65
C PRO A 333 4.52 -1.01 -36.77
N GLU A 334 4.78 0.28 -36.79
CA GLU A 334 5.59 0.86 -37.84
C GLU A 334 6.91 0.11 -37.99
N VAL A 335 7.51 -0.33 -36.88
CA VAL A 335 8.85 -0.93 -36.91
C VAL A 335 8.75 -2.27 -37.61
N ILE A 336 7.72 -3.06 -37.25
CA ILE A 336 7.56 -4.41 -37.77
C ILE A 336 7.42 -4.33 -39.29
N LYS A 337 6.68 -3.30 -39.72
CA LYS A 337 6.25 -3.11 -41.09
C LYS A 337 7.49 -2.84 -41.92
N ILE A 338 8.30 -1.89 -41.45
CA ILE A 338 9.44 -1.46 -42.21
C ILE A 338 10.44 -2.62 -42.35
N TRP A 339 10.65 -3.36 -41.25
CA TRP A 339 11.55 -4.50 -41.30
C TRP A 339 11.02 -5.60 -42.20
N LYS A 340 9.75 -5.95 -42.04
CA LYS A 340 9.10 -6.88 -42.93
C LYS A 340 9.26 -6.46 -44.39
N ASP A 341 8.85 -5.24 -44.77
CA ASP A 341 8.99 -4.75 -46.13
C ASP A 341 10.41 -4.90 -46.67
N LYS A 342 11.43 -4.56 -45.87
CA LYS A 342 12.79 -4.57 -46.36
C LYS A 342 13.37 -5.98 -46.40
N PHE A 343 12.88 -6.92 -45.57
CA PHE A 343 13.58 -8.19 -45.43
C PHE A 343 12.66 -9.42 -45.42
N ASN A 344 11.35 -9.18 -45.39
CA ASN A 344 10.36 -10.24 -45.48
C ASN A 344 10.40 -11.12 -44.24
N LEU A 345 10.78 -10.49 -43.13
CA LEU A 345 10.85 -11.10 -41.82
C LEU A 345 9.98 -10.26 -40.89
N THR A 346 9.23 -10.93 -40.03
CA THR A 346 8.43 -10.27 -39.02
C THR A 346 9.15 -10.36 -37.67
N ILE A 347 9.08 -9.25 -36.93
CA ILE A 347 9.65 -9.22 -35.60
C ILE A 347 8.54 -9.55 -34.57
N ARG A 348 8.76 -10.67 -33.85
CA ARG A 348 7.68 -11.27 -33.09
C ARG A 348 7.76 -10.85 -31.63
N ASP A 349 6.85 -9.96 -31.19
CA ASP A 349 6.98 -9.34 -29.88
C ASP A 349 6.57 -10.36 -28.84
N PHE A 350 7.46 -10.70 -27.88
CA PHE A 350 7.07 -11.57 -26.79
C PHE A 350 7.22 -10.79 -25.49
N TYR A 351 6.67 -11.34 -24.39
CA TYR A 351 6.57 -10.62 -23.13
C TYR A 351 7.01 -11.50 -21.96
N GLY A 352 7.45 -10.80 -20.92
CA GLY A 352 7.75 -11.39 -19.63
C GLY A 352 8.48 -10.40 -18.70
N GLN A 353 8.66 -10.88 -17.48
CA GLN A 353 9.27 -10.13 -16.41
C GLN A 353 10.52 -10.85 -15.94
N THR A 354 11.36 -10.13 -15.20
CA THR A 354 12.45 -10.76 -14.49
C THR A 354 11.85 -11.82 -13.56
N GLU A 355 10.64 -11.57 -13.06
CA GLU A 355 9.98 -12.46 -12.13
C GLU A 355 9.69 -13.81 -12.80
N THR A 356 9.57 -13.84 -14.13
CA THR A 356 9.11 -15.04 -14.80
C THR A 356 10.01 -15.38 -15.99
N THR A 357 9.53 -16.30 -16.84
CA THR A 357 10.06 -16.50 -18.18
C THR A 357 9.00 -16.01 -19.16
N ALA A 358 9.18 -16.27 -20.47
CA ALA A 358 8.23 -15.86 -21.49
C ALA A 358 6.82 -16.25 -21.05
N MET A 359 5.83 -15.34 -21.17
CA MET A 359 4.48 -15.63 -20.70
C MET A 359 3.48 -15.52 -21.85
N VAL A 360 3.61 -14.46 -22.68
CA VAL A 360 2.82 -14.36 -23.90
C VAL A 360 3.72 -13.85 -25.04
N GLY A 361 3.34 -14.21 -26.27
CA GLY A 361 4.22 -13.97 -27.39
C GLY A 361 3.59 -14.38 -28.71
N ASN A 362 4.29 -14.01 -29.78
CA ASN A 362 3.86 -14.35 -31.12
C ASN A 362 4.69 -15.56 -31.48
N PHE A 363 4.14 -16.74 -31.18
CA PHE A 363 4.78 -17.98 -31.58
C PHE A 363 5.03 -17.94 -33.09
N PRO A 364 6.03 -18.71 -33.56
CA PRO A 364 6.36 -18.74 -34.99
C PRO A 364 5.19 -19.18 -35.86
N PHE A 365 4.37 -20.10 -35.36
CA PHE A 365 3.25 -20.62 -36.13
C PHE A 365 2.00 -19.75 -35.98
N LEU A 366 2.16 -18.57 -35.38
CA LEU A 366 1.03 -17.67 -35.14
C LEU A 366 1.13 -16.45 -36.06
N LYS A 367 -0.01 -16.17 -36.71
CA LYS A 367 -0.20 -14.96 -37.50
C LYS A 367 -0.05 -13.76 -36.56
N VAL A 368 0.99 -12.95 -36.79
CA VAL A 368 1.27 -11.85 -35.86
C VAL A 368 0.19 -10.79 -36.04
N LYS A 369 -0.27 -10.20 -34.92
CA LYS A 369 -1.05 -8.97 -34.96
C LYS A 369 -0.11 -7.84 -34.54
N PRO A 370 0.06 -6.78 -35.37
CA PRO A 370 0.90 -5.64 -35.02
C PRO A 370 0.49 -4.98 -33.71
N GLY A 371 1.52 -4.68 -32.90
CA GLY A 371 1.36 -4.07 -31.59
C GLY A 371 1.17 -5.14 -30.51
N SER A 372 0.46 -6.19 -30.90
CA SER A 372 0.19 -7.29 -30.01
C SER A 372 1.46 -8.10 -29.70
N MET A 373 1.50 -8.46 -28.42
CA MET A 373 2.39 -9.43 -27.84
C MET A 373 2.02 -10.80 -28.37
N GLY A 374 0.72 -11.05 -28.47
CA GLY A 374 0.23 -12.30 -29.03
C GLY A 374 -0.63 -13.03 -28.02
N LYS A 375 -0.39 -14.33 -27.90
CA LYS A 375 -1.25 -15.17 -27.09
C LYS A 375 -0.40 -15.79 -25.99
N PRO A 376 -0.97 -16.04 -24.80
CA PRO A 376 -0.24 -16.64 -23.68
C PRO A 376 0.28 -18.06 -23.93
N HIS A 377 1.37 -18.43 -23.22
CA HIS A 377 1.98 -19.75 -23.31
C HIS A 377 1.20 -20.71 -22.41
N PRO A 378 0.86 -21.95 -22.88
CA PRO A 378 -0.02 -22.83 -22.12
C PRO A 378 0.51 -23.25 -20.75
N LEU A 379 1.84 -23.23 -20.56
CA LEU A 379 2.42 -23.55 -19.26
C LEU A 379 1.99 -22.58 -18.17
N TYR A 380 1.76 -21.31 -18.53
CA TYR A 380 1.28 -20.31 -17.59
C TYR A 380 -0.25 -20.22 -17.73
N ASP A 381 -0.95 -20.12 -16.59
CA ASP A 381 -2.36 -19.78 -16.61
C ASP A 381 -2.46 -18.27 -16.48
N ILE A 382 -2.52 -17.58 -17.62
CA ILE A 382 -2.56 -16.13 -17.65
C ILE A 382 -4.01 -15.66 -17.58
N ARG A 383 -4.31 -14.73 -16.67
CA ARG A 383 -5.65 -14.22 -16.48
C ARG A 383 -5.60 -12.70 -16.51
N LEU A 384 -6.67 -12.11 -17.04
CA LEU A 384 -6.83 -10.66 -17.06
C LEU A 384 -7.96 -10.32 -16.10
N LEU A 385 -7.56 -9.79 -14.95
CA LEU A 385 -8.49 -9.52 -13.87
C LEU A 385 -8.81 -8.04 -13.86
N ASP A 386 -10.08 -7.70 -13.62
CA ASP A 386 -10.47 -6.33 -13.35
C ASP A 386 -10.15 -6.02 -11.89
N ASP A 387 -10.51 -4.80 -11.47
CA ASP A 387 -10.47 -4.45 -10.07
C ASP A 387 -11.49 -5.32 -9.33
N GLU A 388 -11.12 -5.76 -8.13
CA GLU A 388 -11.86 -6.77 -7.38
C GLU A 388 -11.68 -8.13 -8.07
N GLY A 389 -10.50 -8.34 -8.69
CA GLY A 389 -10.07 -9.63 -9.23
C GLY A 389 -11.21 -10.46 -9.85
N LYS A 390 -12.01 -9.87 -10.74
CA LYS A 390 -12.98 -10.62 -11.53
C LYS A 390 -12.40 -10.80 -12.93
N GLU A 391 -12.09 -12.04 -13.29
CA GLU A 391 -11.48 -12.29 -14.58
C GLU A 391 -12.45 -11.78 -15.65
N ILE A 392 -11.88 -11.15 -16.68
CA ILE A 392 -12.63 -10.46 -17.71
C ILE A 392 -13.05 -11.46 -18.80
N THR A 393 -14.21 -11.19 -19.42
CA THR A 393 -14.63 -11.86 -20.63
C THR A 393 -14.59 -10.87 -21.81
N LYS A 394 -15.32 -9.76 -21.63
CA LYS A 394 -15.34 -8.69 -22.61
C LYS A 394 -13.94 -8.48 -23.17
N PRO A 395 -13.75 -8.69 -24.49
CA PRO A 395 -12.40 -8.70 -25.05
C PRO A 395 -11.70 -7.36 -24.80
N TYR A 396 -12.27 -6.26 -25.32
CA TYR A 396 -11.57 -4.98 -25.39
C TYR A 396 -11.66 -4.26 -24.05
N GLU A 397 -11.48 -4.98 -22.97
CA GLU A 397 -11.63 -4.40 -21.67
C GLU A 397 -10.30 -4.53 -20.93
N VAL A 398 -9.84 -3.41 -20.39
CA VAL A 398 -8.50 -3.33 -19.85
C VAL A 398 -8.55 -3.89 -18.45
N GLY A 399 -7.56 -4.72 -18.11
CA GLY A 399 -7.40 -5.20 -16.74
C GLY A 399 -5.94 -5.49 -16.39
N HIS A 400 -5.71 -5.91 -15.14
CA HIS A 400 -4.41 -6.34 -14.63
C HIS A 400 -4.08 -7.70 -15.24
N ILE A 401 -2.78 -7.95 -15.46
CA ILE A 401 -2.28 -9.20 -15.98
C ILE A 401 -1.72 -10.00 -14.81
N THR A 402 -2.24 -11.22 -14.64
CA THR A 402 -1.98 -12.02 -13.46
C THR A 402 -1.70 -13.44 -13.88
N VAL A 403 -0.90 -14.12 -13.08
CA VAL A 403 -0.76 -15.55 -13.21
C VAL A 403 -1.66 -16.20 -12.15
N LYS A 404 -2.42 -17.20 -12.55
CA LYS A 404 -3.05 -18.05 -11.57
C LYS A 404 -1.99 -19.02 -11.02
N LEU A 405 -2.06 -19.25 -9.69
CA LEU A 405 -1.13 -20.11 -8.98
C LEU A 405 -1.73 -21.50 -8.70
N ASN A 406 -2.95 -21.78 -9.18
CA ASN A 406 -3.69 -22.99 -8.84
C ASN A 406 -2.79 -24.23 -8.98
N PRO A 407 -2.44 -24.69 -10.20
CA PRO A 407 -1.14 -25.34 -10.41
C PRO A 407 -0.13 -24.20 -10.65
N ARG A 408 0.83 -24.04 -9.73
CA ARG A 408 1.71 -22.89 -9.76
C ARG A 408 2.73 -23.02 -10.89
N PRO A 409 2.67 -22.22 -11.98
CA PRO A 409 3.48 -22.50 -13.16
C PRO A 409 4.95 -22.52 -12.80
N ILE A 410 5.68 -23.45 -13.41
CA ILE A 410 7.13 -23.43 -13.32
C ILE A 410 7.63 -22.30 -14.20
N GLY A 411 8.79 -21.77 -13.82
CA GLY A 411 9.30 -20.56 -14.42
C GLY A 411 9.05 -19.36 -13.52
N LEU A 412 7.96 -19.42 -12.74
CA LEU A 412 7.57 -18.39 -11.79
C LEU A 412 8.49 -18.42 -10.58
N PHE A 413 9.34 -17.38 -10.47
CA PHE A 413 10.22 -17.14 -9.34
C PHE A 413 9.52 -17.52 -8.05
N LEU A 414 10.33 -18.03 -7.12
CA LEU A 414 9.82 -18.49 -5.84
C LEU A 414 9.07 -17.36 -5.15
N GLY A 415 9.62 -16.16 -5.35
CA GLY A 415 9.10 -14.97 -4.72
C GLY A 415 10.22 -13.97 -4.48
N TYR A 416 9.82 -12.80 -3.95
CA TYR A 416 10.74 -11.72 -3.69
C TYR A 416 11.51 -11.98 -2.39
N SER A 417 12.52 -11.15 -2.21
CA SER A 417 13.29 -11.05 -0.98
C SER A 417 12.53 -10.34 0.16
N ASP A 418 11.38 -9.69 -0.13
CA ASP A 418 10.69 -8.83 0.82
C ASP A 418 9.21 -9.23 0.95
N GLU A 419 8.88 -9.76 2.13
CA GLU A 419 7.62 -10.46 2.39
C GLU A 419 6.40 -9.56 2.10
N LYS A 420 6.54 -8.24 2.22
CA LYS A 420 5.40 -7.35 2.02
C LYS A 420 5.12 -7.15 0.54
N LYS A 421 6.18 -7.10 -0.28
CA LYS A 421 6.00 -7.07 -1.72
C LYS A 421 5.46 -8.42 -2.20
N ASN A 422 5.80 -9.49 -1.47
CA ASN A 422 5.20 -10.80 -1.67
C ASN A 422 3.70 -10.76 -1.37
N MET A 423 3.29 -10.08 -0.30
CA MET A 423 1.89 -9.98 0.10
C MET A 423 1.11 -9.09 -0.89
N GLU A 424 1.73 -8.03 -1.40
CA GLU A 424 1.08 -7.18 -2.38
C GLU A 424 0.87 -7.87 -3.72
N SER A 425 1.92 -8.52 -4.22
CA SER A 425 1.98 -9.08 -5.56
C SER A 425 1.18 -10.37 -5.67
N PHE A 426 1.48 -11.31 -4.76
CA PHE A 426 0.73 -12.56 -4.66
C PHE A 426 -0.55 -12.33 -3.87
N ARG A 427 -1.69 -12.27 -4.56
CA ARG A 427 -2.96 -12.00 -3.93
C ARG A 427 -3.96 -13.11 -4.23
N GLU A 428 -4.06 -14.03 -3.26
CA GLU A 428 -5.27 -14.83 -3.07
C GLU A 428 -5.54 -15.66 -4.34
N GLY A 429 -4.57 -16.51 -4.68
CA GLY A 429 -4.70 -17.41 -5.81
C GLY A 429 -4.04 -16.85 -7.06
N TYR A 430 -3.47 -15.63 -6.99
CA TYR A 430 -2.98 -14.93 -8.18
C TYR A 430 -1.71 -14.14 -7.88
N TYR A 431 -0.74 -14.20 -8.80
CA TYR A 431 0.41 -13.30 -8.79
C TYR A 431 0.08 -12.13 -9.68
N TYR A 432 0.42 -10.92 -9.22
CA TYR A 432 0.21 -9.71 -9.99
C TYR A 432 1.55 -9.25 -10.59
N THR A 433 1.56 -9.21 -11.93
CA THR A 433 2.59 -8.53 -12.70
C THR A 433 2.38 -7.04 -12.53
N GLY A 434 1.14 -6.65 -12.19
CA GLY A 434 0.76 -5.26 -12.08
C GLY A 434 0.43 -4.63 -13.44
N ASP A 435 1.11 -5.12 -14.51
CA ASP A 435 0.91 -4.70 -15.88
C ASP A 435 -0.55 -4.80 -16.26
N LYS A 436 -0.94 -4.05 -17.28
CA LYS A 436 -2.34 -3.98 -17.68
C LYS A 436 -2.40 -4.14 -19.20
N ALA A 437 -3.44 -4.85 -19.67
CA ALA A 437 -3.63 -5.12 -21.09
C ALA A 437 -5.11 -5.39 -21.36
N TYR A 438 -5.44 -5.59 -22.62
CA TYR A 438 -6.77 -6.05 -22.98
C TYR A 438 -6.68 -7.20 -23.98
N PHE A 439 -7.71 -8.07 -23.93
CA PHE A 439 -7.91 -9.10 -24.93
C PHE A 439 -8.34 -8.54 -26.30
N ASP A 440 -7.99 -9.32 -27.31
CA ASP A 440 -8.60 -9.23 -28.62
C ASP A 440 -9.72 -10.26 -28.68
N GLU A 441 -10.73 -10.05 -29.51
CA GLU A 441 -11.71 -11.10 -29.69
C GLU A 441 -11.06 -12.48 -29.68
N GLU A 442 -10.01 -12.66 -30.49
CA GLU A 442 -9.41 -13.96 -30.73
C GLU A 442 -8.35 -14.33 -29.68
N GLY A 443 -8.33 -13.62 -28.55
CA GLY A 443 -7.48 -14.00 -27.45
C GLY A 443 -6.05 -13.48 -27.55
N TYR A 444 -5.83 -12.50 -28.46
CA TYR A 444 -4.57 -11.76 -28.54
C TYR A 444 -4.43 -10.83 -27.32
N PHE A 445 -3.28 -10.20 -27.19
CA PHE A 445 -3.00 -9.42 -26.01
C PHE A 445 -2.26 -8.15 -26.38
N TYR A 446 -2.79 -7.01 -25.92
CA TYR A 446 -2.22 -5.70 -26.18
C TYR A 446 -1.92 -5.03 -24.85
N PHE A 447 -0.63 -4.91 -24.56
CA PHE A 447 -0.17 -4.21 -23.36
C PHE A 447 -0.60 -2.74 -23.44
N VAL A 448 -1.21 -2.21 -22.38
CA VAL A 448 -1.59 -0.79 -22.30
C VAL A 448 -0.61 0.01 -21.44
N GLY A 449 -0.05 -0.62 -20.40
CA GLY A 449 0.92 0.02 -19.53
C GLY A 449 1.03 -0.66 -18.18
N ARG A 450 1.63 0.08 -17.24
CA ARG A 450 1.90 -0.34 -15.89
C ARG A 450 0.84 0.27 -14.97
N GLY A 451 0.27 -0.52 -14.08
CA GLY A 451 -0.46 0.09 -12.96
C GLY A 451 0.49 0.80 -11.99
N ASP A 452 1.73 0.31 -11.86
CA ASP A 452 2.73 0.90 -11.01
C ASP A 452 3.05 2.32 -11.46
N ASP A 453 3.85 2.99 -10.61
CA ASP A 453 4.58 4.17 -10.98
C ASP A 453 5.98 3.77 -11.41
N VAL A 454 6.07 2.79 -12.30
CA VAL A 454 7.37 2.25 -12.67
C VAL A 454 7.65 2.78 -14.06
N ILE A 455 8.95 2.97 -14.30
CA ILE A 455 9.44 3.55 -15.52
C ILE A 455 10.28 2.49 -16.22
N LYS A 456 10.25 2.47 -17.56
CA LYS A 456 11.11 1.57 -18.31
C LYS A 456 11.69 2.29 -19.51
N THR A 457 13.00 2.52 -19.44
CA THR A 457 13.74 3.25 -20.48
C THR A 457 14.71 2.28 -21.14
N SER A 458 14.64 2.10 -22.46
CA SER A 458 15.63 1.27 -23.16
C SER A 458 15.70 -0.13 -22.55
N ASP A 459 14.53 -0.68 -22.22
CA ASP A 459 14.46 -2.02 -21.67
C ASP A 459 15.09 -2.05 -20.26
N TYR A 460 15.33 -0.90 -19.66
CA TYR A 460 15.80 -0.88 -18.28
C TYR A 460 14.68 -0.42 -17.36
N ARG A 461 14.37 -1.25 -16.38
CA ARG A 461 13.24 -1.04 -15.50
C ARG A 461 13.71 -0.21 -14.32
N VAL A 462 13.24 1.05 -14.24
CA VAL A 462 13.72 1.99 -13.22
C VAL A 462 12.57 2.33 -12.28
N GLY A 463 12.92 2.37 -10.98
CA GLY A 463 11.97 2.61 -9.92
C GLY A 463 12.19 4.00 -9.33
N PRO A 464 11.12 4.76 -9.06
CA PRO A 464 11.26 6.12 -8.55
C PRO A 464 12.12 6.25 -7.30
N PHE A 465 11.87 5.46 -6.24
CA PHE A 465 12.41 5.84 -4.93
C PHE A 465 13.94 5.85 -5.00
N GLU A 466 14.54 4.94 -5.77
CA GLU A 466 16.00 4.88 -5.96
C GLU A 466 16.50 6.28 -6.30
N VAL A 467 15.83 6.86 -7.30
CA VAL A 467 16.28 8.08 -7.94
C VAL A 467 15.87 9.29 -7.09
N GLU A 468 14.66 9.26 -6.52
CA GLU A 468 14.23 10.35 -5.65
C GLU A 468 15.20 10.48 -4.49
N SER A 469 15.44 9.38 -3.76
CA SER A 469 16.41 9.41 -2.68
C SER A 469 17.79 9.89 -3.17
N ALA A 470 18.22 9.42 -4.34
CA ALA A 470 19.50 9.84 -4.89
C ALA A 470 19.53 11.36 -5.00
N LEU A 471 18.41 11.96 -5.43
CA LEU A 471 18.35 13.40 -5.62
C LEU A 471 18.43 14.17 -4.29
N LEU A 472 17.71 13.68 -3.26
CA LEU A 472 17.66 14.32 -1.96
C LEU A 472 19.07 14.41 -1.34
N GLU A 473 19.97 13.55 -1.84
CA GLU A 473 21.38 13.60 -1.52
C GLU A 473 22.02 14.93 -1.92
N HIS A 474 21.51 15.61 -2.96
CA HIS A 474 22.07 16.91 -3.30
C HIS A 474 21.67 17.96 -2.24
N PRO A 475 22.64 18.77 -1.77
CA PRO A 475 22.32 19.88 -0.88
C PRO A 475 21.13 20.76 -1.25
N ALA A 476 20.89 20.97 -2.55
CA ALA A 476 19.93 21.97 -3.04
C ALA A 476 18.50 21.44 -3.13
N VAL A 477 18.33 20.14 -2.83
CA VAL A 477 17.07 19.46 -3.07
C VAL A 477 16.34 19.24 -1.74
N ALA A 478 15.12 19.77 -1.72
CA ALA A 478 14.20 19.67 -0.61
C ALA A 478 13.16 18.58 -0.85
N GLU A 479 12.67 18.50 -2.08
CA GLU A 479 11.70 17.51 -2.48
C GLU A 479 12.04 17.06 -3.90
N ALA A 480 11.69 15.81 -4.22
CA ALA A 480 11.88 15.25 -5.56
C ALA A 480 10.76 14.28 -5.88
N ALA A 481 10.52 14.14 -7.17
CA ALA A 481 9.49 13.26 -7.68
C ALA A 481 9.91 12.85 -9.09
N VAL A 482 10.02 11.54 -9.32
CA VAL A 482 10.49 11.01 -10.59
C VAL A 482 9.35 10.34 -11.34
N VAL A 483 9.25 10.70 -12.62
CA VAL A 483 8.17 10.23 -13.48
C VAL A 483 8.72 9.82 -14.84
N GLY A 484 8.02 8.91 -15.52
CA GLY A 484 8.36 8.58 -16.88
C GLY A 484 7.59 9.43 -17.88
N VAL A 485 8.34 9.98 -18.81
CA VAL A 485 7.76 10.79 -19.86
C VAL A 485 7.90 10.00 -21.16
N PRO A 486 6.90 9.97 -22.06
CA PRO A 486 7.06 9.39 -23.38
C PRO A 486 8.33 9.77 -24.12
N ASP A 487 8.98 8.79 -24.77
CA ASP A 487 9.99 9.01 -25.79
C ASP A 487 9.70 7.98 -26.90
N THR A 488 10.11 8.27 -28.13
CA THR A 488 9.81 7.37 -29.22
C THR A 488 10.90 6.30 -29.27
N VAL A 489 12.14 6.63 -28.91
CA VAL A 489 13.23 5.68 -29.07
C VAL A 489 13.29 4.72 -27.89
N ARG A 490 13.42 5.25 -26.67
CA ARG A 490 13.31 4.48 -25.44
C ARG A 490 11.86 4.58 -25.00
N TRP A 491 11.29 3.60 -24.34
CA TRP A 491 9.84 3.66 -24.33
C TRP A 491 9.37 4.88 -23.53
N GLN A 492 10.03 5.09 -22.40
CA GLN A 492 9.83 6.28 -21.57
C GLN A 492 11.19 6.91 -21.25
N LEU A 493 11.18 8.16 -20.74
CA LEU A 493 12.39 8.85 -20.33
C LEU A 493 12.24 9.32 -18.89
N VAL A 494 13.38 9.48 -18.22
CA VAL A 494 13.31 9.80 -16.80
C VAL A 494 13.21 11.32 -16.58
N LYS A 495 12.08 11.81 -16.07
CA LYS A 495 11.93 13.23 -15.74
C LYS A 495 11.93 13.39 -14.22
N ALA A 496 12.55 14.46 -13.70
CA ALA A 496 12.63 14.67 -12.26
C ALA A 496 12.14 16.07 -11.88
N TYR A 497 11.01 16.11 -11.19
CA TYR A 497 10.47 17.32 -10.61
C TYR A 497 11.20 17.60 -9.29
N ILE A 498 11.67 18.84 -9.10
CA ILE A 498 12.45 19.22 -7.94
C ILE A 498 11.94 20.52 -7.30
N VAL A 499 11.91 20.49 -5.97
CA VAL A 499 11.63 21.66 -5.19
C VAL A 499 12.92 22.02 -4.48
N LEU A 500 13.35 23.26 -4.73
CA LEU A 500 14.62 23.75 -4.22
C LEU A 500 14.50 24.22 -2.77
N LYS A 501 15.63 24.12 -2.06
CA LYS A 501 15.82 24.86 -0.83
C LYS A 501 16.02 26.33 -1.19
N LYS A 502 15.75 27.18 -0.19
CA LYS A 502 15.91 28.61 -0.34
C LYS A 502 17.38 28.94 -0.56
N GLY A 503 17.62 29.89 -1.45
CA GLY A 503 18.98 30.33 -1.71
C GLY A 503 19.38 29.87 -3.09
N TYR A 504 19.16 28.60 -3.36
CA TYR A 504 19.45 28.06 -4.67
C TYR A 504 18.45 28.67 -5.64
N MET A 505 18.92 29.17 -6.78
CA MET A 505 18.01 29.73 -7.79
C MET A 505 17.93 28.71 -8.94
N PRO A 506 16.73 28.46 -9.51
CA PRO A 506 16.56 27.52 -10.62
C PRO A 506 17.34 28.01 -11.84
N SER A 507 18.10 27.12 -12.46
CA SER A 507 18.86 27.50 -13.64
C SER A 507 19.24 26.23 -14.36
N LYS A 508 19.38 26.35 -15.68
CA LYS A 508 19.87 25.25 -16.47
C LYS A 508 21.23 24.82 -15.96
N GLU A 509 21.96 25.73 -15.34
CA GLU A 509 23.29 25.45 -14.83
C GLU A 509 23.15 24.66 -13.53
N LEU A 510 22.18 25.01 -12.65
CA LEU A 510 21.90 24.21 -11.46
C LEU A 510 21.42 22.77 -11.79
N ALA A 511 20.49 22.66 -12.74
CA ALA A 511 20.06 21.36 -13.21
C ALA A 511 21.27 20.54 -13.64
N GLU A 512 22.18 21.15 -14.41
CA GLU A 512 23.40 20.50 -14.84
C GLU A 512 24.15 19.96 -13.63
N GLU A 513 24.31 20.81 -12.62
CA GLU A 513 25.12 20.47 -11.46
C GLU A 513 24.59 19.21 -10.78
N ILE A 514 23.28 19.18 -10.52
CA ILE A 514 22.61 18.04 -9.93
C ILE A 514 22.78 16.79 -10.79
N ARG A 515 22.58 16.91 -12.10
CA ARG A 515 22.74 15.80 -13.02
C ARG A 515 24.11 15.15 -12.84
N GLU A 516 25.17 15.95 -12.78
CA GLU A 516 26.52 15.44 -12.66
C GLU A 516 26.68 14.67 -11.34
N LYS A 517 26.15 15.22 -10.26
CA LYS A 517 26.14 14.49 -9.00
C LYS A 517 25.42 13.15 -9.17
N MET A 518 24.31 13.10 -9.90
CA MET A 518 23.54 11.87 -10.04
C MET A 518 24.30 10.80 -10.86
N LYS A 519 25.09 11.25 -11.84
CA LYS A 519 25.98 10.36 -12.55
C LYS A 519 26.79 9.57 -11.53
N THR A 520 27.33 10.28 -10.53
CA THR A 520 28.04 9.70 -9.39
C THR A 520 27.33 8.49 -8.80
N LEU A 521 26.04 8.65 -8.52
CA LEU A 521 25.35 7.75 -7.60
C LEU A 521 24.54 6.69 -8.34
N LEU A 522 24.01 7.06 -9.52
CA LEU A 522 23.10 6.22 -10.27
C LEU A 522 23.65 5.79 -11.63
N SER A 523 23.22 4.57 -11.98
CA SER A 523 23.51 3.93 -13.24
C SER A 523 22.94 4.81 -14.34
N PRO A 524 23.62 4.91 -15.50
CA PRO A 524 23.26 5.86 -16.55
C PRO A 524 21.78 5.93 -16.90
N TYR A 525 21.13 4.79 -17.06
CA TYR A 525 19.73 4.77 -17.49
C TYR A 525 18.86 5.48 -16.46
N LYS A 526 19.39 5.61 -15.24
CA LYS A 526 18.64 6.21 -14.14
C LYS A 526 18.92 7.72 -13.95
N VAL A 527 20.03 8.27 -14.47
CA VAL A 527 20.17 9.72 -14.44
C VAL A 527 18.99 10.35 -15.19
N PRO A 528 18.24 11.29 -14.59
CA PRO A 528 17.17 11.99 -15.32
C PRO A 528 17.69 12.67 -16.58
N ARG A 529 16.94 12.49 -17.66
CA ARG A 529 17.20 13.21 -18.88
C ARG A 529 16.49 14.58 -18.84
N ILE A 530 15.57 14.80 -17.90
CA ILE A 530 14.89 16.08 -17.71
C ILE A 530 14.90 16.42 -16.22
N ILE A 531 15.15 17.71 -15.89
CA ILE A 531 14.94 18.30 -14.56
C ILE A 531 14.07 19.57 -14.65
N GLU A 532 12.90 19.59 -13.96
CA GLU A 532 12.05 20.77 -13.87
C GLU A 532 11.97 21.21 -12.41
N PHE A 533 12.35 22.48 -12.17
CA PHE A 533 12.30 23.03 -10.82
C PHE A 533 10.92 23.61 -10.64
N VAL A 534 10.25 23.22 -9.56
CA VAL A 534 8.88 23.64 -9.28
C VAL A 534 8.74 24.04 -7.81
N ASP A 535 7.59 24.62 -7.46
CA ASP A 535 7.45 25.30 -6.18
C ASP A 535 7.02 24.30 -5.13
N GLU A 536 5.86 23.67 -5.38
CA GLU A 536 5.37 22.58 -4.56
C GLU A 536 4.89 21.51 -5.53
N LEU A 537 4.92 20.24 -5.10
CA LEU A 537 4.42 19.10 -5.86
C LEU A 537 2.97 18.78 -5.44
N PRO A 538 2.12 18.24 -6.33
CA PRO A 538 0.73 17.95 -5.97
C PRO A 538 0.69 16.70 -5.10
N LYS A 539 -0.16 16.76 -4.06
CA LYS A 539 -0.24 15.72 -3.05
C LYS A 539 -1.67 15.51 -2.57
N THR A 540 -1.99 14.26 -2.26
CA THR A 540 -3.18 13.99 -1.48
C THR A 540 -2.99 14.54 -0.08
N ILE A 541 -4.09 14.52 0.66
CA ILE A 541 -4.12 14.79 2.08
C ILE A 541 -3.05 13.97 2.78
N SER A 542 -3.08 12.64 2.61
CA SER A 542 -2.10 11.73 3.20
C SER A 542 -0.70 12.35 3.22
N GLY A 543 -0.31 13.04 2.13
CA GLY A 543 1.06 13.46 1.94
C GLY A 543 1.70 12.78 0.73
N LYS A 544 0.93 11.87 0.08
CA LYS A 544 1.33 11.11 -1.09
C LYS A 544 1.49 12.08 -2.24
N ILE A 545 2.50 11.84 -3.08
CA ILE A 545 2.74 12.61 -4.28
C ILE A 545 1.91 12.04 -5.42
N ARG A 546 1.02 12.88 -6.00
CA ARG A 546 0.16 12.44 -7.09
C ARG A 546 0.93 12.49 -8.40
N ARG A 547 1.74 11.45 -8.63
CA ARG A 547 2.41 11.19 -9.89
C ARG A 547 1.43 11.12 -11.07
N VAL A 548 0.33 10.38 -10.91
CA VAL A 548 -0.81 10.45 -11.83
C VAL A 548 -0.98 11.87 -12.36
N GLU A 549 -1.05 12.83 -11.41
CA GLU A 549 -1.41 14.21 -11.70
C GLU A 549 -0.29 14.87 -12.50
N LEU A 550 0.95 14.51 -12.16
CA LEU A 550 2.13 14.97 -12.90
C LEU A 550 2.07 14.60 -14.38
N ARG A 551 1.73 13.34 -14.68
CA ARG A 551 1.69 12.86 -16.06
C ARG A 551 0.54 13.49 -16.81
N LYS A 552 -0.63 13.66 -16.15
CA LYS A 552 -1.74 14.37 -16.76
C LYS A 552 -1.25 15.74 -17.19
N ARG A 553 -0.54 16.41 -16.29
CA ARG A 553 -0.02 17.75 -16.53
C ARG A 553 0.88 17.72 -17.77
N GLU A 554 1.74 16.72 -17.84
CA GLU A 554 2.72 16.68 -18.90
C GLU A 554 2.08 16.37 -20.26
N GLU A 555 1.10 15.45 -20.29
CA GLU A 555 0.37 15.18 -21.53
C GLU A 555 -0.41 16.42 -22.01
N GLU A 556 -1.04 17.19 -21.13
CA GLU A 556 -1.70 18.44 -21.51
C GLU A 556 -0.70 19.49 -22.03
N LYS A 557 0.42 19.69 -21.32
CA LYS A 557 1.49 20.57 -21.78
C LYS A 557 1.94 20.19 -23.19
N ARG A 558 2.00 18.90 -23.50
CA ARG A 558 2.58 18.49 -24.76
C ARG A 558 1.52 18.57 -25.87
N LYS A 559 0.24 18.40 -25.55
CA LYS A 559 -0.84 18.66 -26.50
C LYS A 559 -0.91 20.14 -26.89
N LYS A 560 -0.59 21.07 -25.96
CA LYS A 560 -0.62 22.50 -26.24
C LYS A 560 0.74 23.05 -26.69
N GLY A 561 1.80 22.26 -26.50
CA GLY A 561 3.16 22.64 -26.86
C GLY A 561 3.72 23.72 -25.95
N GLU A 562 3.85 23.43 -24.64
CA GLU A 562 4.36 24.34 -23.62
C GLU A 562 5.47 23.67 -22.80
N VAL A 563 6.14 24.43 -21.92
CA VAL A 563 7.17 23.99 -20.98
C VAL A 563 7.01 24.83 -19.70
N GLY A 564 7.87 24.86 -18.68
CA GLY A 564 7.93 26.11 -17.89
C GLY A 564 9.03 26.09 -16.84
N GLN A 565 10.21 26.63 -17.19
CA GLN A 565 11.44 26.34 -16.45
C GLN A 565 11.83 24.85 -16.18
N ASN A 566 11.48 23.90 -17.12
CA ASN A 566 12.05 22.55 -17.20
C ASN A 566 13.33 22.71 -18.00
N GLU A 567 14.38 21.88 -17.79
CA GLU A 567 15.68 22.19 -18.37
C GLU A 567 16.17 21.17 -19.41
N TYR A 568 15.72 19.90 -19.34
CA TYR A 568 15.81 19.00 -20.51
C TYR A 568 17.27 18.62 -20.79
N VAL A 569 17.82 17.80 -19.84
CA VAL A 569 19.21 17.37 -19.69
C VAL A 569 19.91 18.44 -18.75
N VAL B 8 -13.31 40.55 13.39
CA VAL B 8 -13.14 40.49 14.87
C VAL B 8 -12.27 39.30 15.33
N THR B 9 -11.65 39.50 16.49
CA THR B 9 -10.47 38.72 16.89
C THR B 9 -10.94 37.32 17.28
N VAL B 10 -10.02 36.34 17.21
CA VAL B 10 -10.26 34.98 17.66
C VAL B 10 -10.91 35.01 19.04
N GLN B 11 -10.23 35.68 20.00
CA GLN B 11 -10.64 35.65 21.38
C GLN B 11 -12.04 36.27 21.56
N ASP B 12 -12.28 37.40 20.88
CA ASP B 12 -13.58 38.05 20.92
C ASP B 12 -14.63 37.04 20.48
N PHE B 13 -14.33 36.28 19.43
CA PHE B 13 -15.31 35.35 18.89
C PHE B 13 -15.82 34.39 19.96
N PHE B 14 -14.86 33.73 20.63
CA PHE B 14 -15.20 32.68 21.56
C PHE B 14 -15.96 33.19 22.76
N ARG B 15 -15.63 34.42 23.21
CA ARG B 15 -16.33 34.97 24.35
C ARG B 15 -17.77 35.25 23.98
N LYS B 16 -18.00 35.71 22.74
CA LYS B 16 -19.34 36.09 22.29
C LYS B 16 -20.18 34.82 22.15
N PHE B 17 -19.51 33.73 21.76
CA PHE B 17 -20.16 32.44 21.71
C PHE B 17 -20.59 32.03 23.12
N ILE B 18 -19.65 32.14 24.07
CA ILE B 18 -19.93 31.76 25.45
C ILE B 18 -21.18 32.48 25.98
N GLU B 19 -21.33 33.77 25.65
CA GLU B 19 -22.48 34.54 26.10
C GLU B 19 -23.76 34.00 25.44
N PHE B 20 -23.66 33.69 24.14
CA PHE B 20 -24.77 33.10 23.41
C PHE B 20 -25.19 31.76 24.02
N GLN B 21 -24.24 31.06 24.63
CA GLN B 21 -24.52 29.78 25.26
C GLN B 21 -25.40 29.95 26.49
N ASN B 22 -25.15 31.02 27.25
CA ASN B 22 -25.87 31.30 28.49
C ASN B 22 -27.34 31.65 28.22
N SER B 23 -27.70 31.97 26.97
CA SER B 23 -29.10 31.95 26.56
C SER B 23 -29.21 31.74 25.04
N PRO B 24 -29.36 30.46 24.57
CA PRO B 24 -29.34 30.14 23.15
C PRO B 24 -30.69 30.40 22.51
N ASN B 25 -30.66 30.87 21.26
CA ASN B 25 -31.82 31.39 20.58
C ASN B 25 -31.46 31.33 19.10
N GLU B 26 -32.45 31.15 18.23
CA GLU B 26 -32.14 30.97 16.82
C GLU B 26 -31.53 32.23 16.22
N LYS B 27 -32.05 33.42 16.56
CA LYS B 27 -31.52 34.68 16.04
C LYS B 27 -30.04 34.77 16.39
N SER B 28 -29.74 34.65 17.69
CA SER B 28 -28.39 34.78 18.17
C SER B 28 -27.50 33.74 17.50
N LEU B 29 -28.04 32.55 17.19
CA LEU B 29 -27.33 31.53 16.45
C LEU B 29 -26.95 32.01 15.04
N GLN B 30 -27.91 32.61 14.31
CA GLN B 30 -27.69 33.12 12.95
C GLN B 30 -26.55 34.14 12.97
N GLU B 31 -26.58 34.99 14.00
CA GLU B 31 -25.52 35.95 14.26
C GLU B 31 -24.18 35.21 14.38
N ILE B 32 -24.07 34.21 15.26
CA ILE B 32 -22.82 33.49 15.48
C ILE B 32 -22.33 32.91 14.15
N VAL B 33 -23.27 32.40 13.34
CA VAL B 33 -22.99 31.76 12.07
C VAL B 33 -22.26 32.74 11.15
N LYS B 34 -22.75 33.97 11.05
CA LYS B 34 -22.10 34.98 10.23
C LYS B 34 -20.68 35.24 10.74
N LEU B 35 -20.49 35.22 12.07
CA LEU B 35 -19.25 35.63 12.72
C LEU B 35 -18.16 34.60 12.45
N VAL B 36 -18.59 33.35 12.35
CA VAL B 36 -17.73 32.29 11.85
C VAL B 36 -17.22 32.65 10.45
N GLY B 37 -18.12 33.06 9.56
CA GLY B 37 -17.77 33.53 8.23
C GLY B 37 -16.63 34.55 8.24
N GLN B 38 -16.53 35.37 9.30
CA GLN B 38 -15.52 36.42 9.35
C GLN B 38 -14.15 35.93 9.87
N LEU B 39 -14.09 34.82 10.61
CA LEU B 39 -12.89 34.45 11.34
C LEU B 39 -11.70 34.25 10.41
N ASP B 40 -10.53 34.81 10.76
CA ASP B 40 -9.35 34.53 9.98
C ASP B 40 -8.48 33.50 10.67
N LEU B 41 -8.50 32.25 10.17
CA LEU B 41 -7.88 31.15 10.88
C LEU B 41 -6.65 30.63 10.17
N ARG B 42 -5.95 31.49 9.44
CA ARG B 42 -5.00 30.98 8.47
C ARG B 42 -3.79 30.37 9.17
N ARG B 43 -3.34 30.96 10.28
CA ARG B 43 -2.42 30.30 11.19
C ARG B 43 -2.98 30.37 12.61
N PHE B 44 -3.13 29.23 13.26
CA PHE B 44 -4.00 29.11 14.41
C PHE B 44 -3.63 27.86 15.21
N ASN B 45 -3.41 28.06 16.52
CA ASN B 45 -3.17 26.99 17.47
C ASN B 45 -4.22 27.16 18.56
N TRP B 46 -5.07 26.15 18.76
CA TRP B 46 -6.20 26.23 19.67
C TRP B 46 -5.76 26.40 21.12
N VAL B 47 -4.70 25.69 21.56
CA VAL B 47 -4.26 25.74 22.94
C VAL B 47 -3.76 27.16 23.24
N ARG B 48 -2.75 27.60 22.50
CA ARG B 48 -2.23 28.96 22.61
C ARG B 48 -3.40 29.93 22.63
N ASP B 49 -4.14 29.97 21.51
CA ASP B 49 -5.04 31.05 21.15
C ASP B 49 -6.34 31.06 21.97
N VAL B 50 -6.77 29.92 22.52
CA VAL B 50 -8.08 29.80 23.15
C VAL B 50 -7.97 29.25 24.57
N PHE B 51 -7.37 28.06 24.74
CA PHE B 51 -7.18 27.46 26.06
C PHE B 51 -6.45 28.45 26.97
N GLU B 52 -5.21 28.80 26.58
CA GLU B 52 -4.35 29.66 27.37
C GLU B 52 -4.93 31.07 27.38
N ASP B 53 -4.98 31.64 26.17
CA ASP B 53 -5.26 33.04 25.99
C ASP B 53 -6.59 33.43 26.63
N ILE B 54 -7.61 32.58 26.56
CA ILE B 54 -8.86 32.92 27.20
C ILE B 54 -8.94 32.31 28.59
N HIS B 55 -8.88 30.98 28.72
CA HIS B 55 -9.27 30.29 29.94
C HIS B 55 -8.18 30.35 31.00
N VAL B 56 -6.92 30.08 30.62
CA VAL B 56 -5.82 30.12 31.58
C VAL B 56 -5.67 31.55 32.09
N LYS B 57 -5.84 32.53 31.20
CA LYS B 57 -5.88 33.94 31.58
C LYS B 57 -7.04 34.16 32.57
N GLU B 58 -8.27 34.13 32.06
CA GLU B 58 -9.48 34.56 32.77
C GLU B 58 -10.03 33.53 33.78
N ARG B 59 -9.60 32.25 33.68
CA ARG B 59 -10.07 31.21 34.58
C ARG B 59 -8.96 30.29 35.09
N GLY B 60 -7.71 30.77 35.18
CA GLY B 60 -6.56 29.96 35.57
C GLY B 60 -6.75 29.15 36.85
N SER B 61 -7.43 29.70 37.86
CA SER B 61 -7.63 29.01 39.11
C SER B 61 -8.97 28.25 39.16
N LYS B 62 -9.81 28.40 38.13
CA LYS B 62 -11.07 27.65 38.11
C LYS B 62 -10.79 26.15 37.88
N THR B 63 -11.50 25.30 38.63
CA THR B 63 -11.31 23.86 38.49
C THR B 63 -11.78 23.46 37.08
N ALA B 64 -10.83 23.00 36.26
CA ALA B 64 -11.07 22.69 34.85
C ALA B 64 -11.59 21.25 34.65
N LEU B 65 -10.97 20.28 35.35
CA LEU B 65 -11.36 18.88 35.30
C LEU B 65 -11.54 18.28 36.69
N ILE B 66 -12.59 17.46 36.86
CA ILE B 66 -12.78 16.58 38.00
C ILE B 66 -12.82 15.14 37.49
N TRP B 67 -12.00 14.26 38.08
CA TRP B 67 -11.79 12.91 37.58
C TRP B 67 -12.00 11.91 38.72
N ARG B 68 -12.69 10.83 38.39
CA ARG B 68 -12.99 9.78 39.35
C ARG B 68 -12.82 8.41 38.67
N ASP B 69 -12.05 7.55 39.31
CA ASP B 69 -12.02 6.15 38.99
C ASP B 69 -13.00 5.42 39.90
N ILE B 70 -14.05 4.85 39.30
CA ILE B 70 -15.09 4.15 40.04
C ILE B 70 -14.46 2.93 40.68
N ASN B 71 -13.64 2.22 39.95
CA ASN B 71 -13.12 0.96 40.46
C ASN B 71 -12.23 1.25 41.67
N THR B 72 -11.16 2.03 41.48
CA THR B 72 -10.18 2.32 42.54
C THR B 72 -10.85 3.14 43.65
N GLY B 73 -11.50 4.26 43.28
CA GLY B 73 -12.01 5.24 44.24
C GLY B 73 -11.24 6.56 44.15
N GLU B 74 -10.00 6.44 43.69
CA GLU B 74 -9.12 7.53 43.27
C GLU B 74 -9.86 8.76 42.70
N GLU B 75 -9.65 9.89 43.33
CA GLU B 75 -10.22 11.14 42.87
C GLU B 75 -9.07 12.12 42.59
N ALA B 76 -9.31 13.02 41.64
CA ALA B 76 -8.41 14.11 41.29
C ALA B 76 -9.20 15.29 40.72
N LYS B 77 -8.60 16.49 40.82
CA LYS B 77 -9.24 17.72 40.36
C LYS B 77 -8.10 18.62 39.90
N LEU B 78 -8.20 19.16 38.69
CA LEU B 78 -7.17 20.05 38.19
C LEU B 78 -7.76 21.37 37.69
N SER B 79 -7.11 22.48 38.05
CA SER B 79 -7.48 23.81 37.58
C SER B 79 -6.87 24.03 36.21
N TYR B 80 -7.44 24.98 35.49
CA TYR B 80 -6.98 25.30 34.15
C TYR B 80 -5.45 25.53 34.13
N HIS B 81 -4.93 26.17 35.18
CA HIS B 81 -3.50 26.47 35.24
C HIS B 81 -2.70 25.17 35.42
N GLU B 82 -2.99 24.45 36.51
CA GLU B 82 -2.39 23.15 36.80
C GLU B 82 -2.35 22.32 35.52
N LEU B 83 -3.51 22.29 34.84
CA LEU B 83 -3.68 21.56 33.60
C LEU B 83 -2.72 22.07 32.54
N SER B 84 -2.64 23.40 32.37
CA SER B 84 -1.82 23.93 31.29
C SER B 84 -0.36 23.54 31.50
N LEU B 85 0.10 23.59 32.74
CA LEU B 85 1.49 23.30 33.03
C LEU B 85 1.78 21.82 32.84
N MET B 86 0.76 20.99 33.13
CA MET B 86 0.87 19.55 32.91
C MET B 86 1.16 19.28 31.43
N SER B 87 0.34 19.90 30.58
CA SER B 87 0.40 19.73 29.14
C SER B 87 1.75 20.23 28.62
N ASN B 88 2.22 21.32 29.23
CA ASN B 88 3.49 21.93 28.86
C ASN B 88 4.64 20.97 29.17
N ARG B 89 4.57 20.30 30.32
CA ARG B 89 5.57 19.33 30.70
C ARG B 89 5.67 18.25 29.65
N VAL B 90 4.51 17.69 29.32
CA VAL B 90 4.48 16.61 28.35
C VAL B 90 5.06 17.12 27.03
N LEU B 91 4.64 18.31 26.57
CA LEU B 91 5.10 18.78 25.29
C LEU B 91 6.63 18.88 25.27
N SER B 92 7.20 19.46 26.35
CA SER B 92 8.63 19.44 26.59
C SER B 92 9.15 18.02 26.41
N THR B 93 8.64 17.09 27.23
CA THR B 93 9.18 15.74 27.33
C THR B 93 9.13 15.05 25.97
N LEU B 94 8.15 15.41 25.13
CA LEU B 94 8.04 14.85 23.79
C LEU B 94 9.16 15.39 22.89
N ARG B 95 9.26 16.73 22.82
CA ARG B 95 10.31 17.37 22.03
C ARG B 95 11.68 16.88 22.49
N LYS B 96 11.81 16.64 23.80
CA LYS B 96 13.06 16.27 24.46
C LYS B 96 13.52 14.89 24.02
N HIS B 97 12.56 13.98 23.77
CA HIS B 97 12.83 12.64 23.25
C HIS B 97 12.70 12.64 21.71
N GLY B 98 12.72 13.83 21.11
CA GLY B 98 13.17 14.06 19.75
C GLY B 98 12.02 14.24 18.77
N LEU B 99 10.89 14.84 19.17
CA LEU B 99 9.71 14.88 18.33
C LEU B 99 9.48 16.27 17.77
N LYS B 100 9.13 16.29 16.48
CA LYS B 100 8.97 17.50 15.69
C LYS B 100 7.53 17.53 15.22
N LYS B 101 7.00 18.72 14.84
CA LYS B 101 5.62 18.89 14.36
C LYS B 101 5.37 17.89 13.23
N GLY B 102 4.12 17.38 13.15
CA GLY B 102 3.76 16.37 12.16
C GLY B 102 4.10 14.94 12.57
N ASP B 103 4.84 14.73 13.67
CA ASP B 103 5.21 13.40 14.15
C ASP B 103 3.99 12.70 14.74
N VAL B 104 4.01 11.37 14.70
CA VAL B 104 2.83 10.56 14.97
C VAL B 104 2.86 10.06 16.42
N VAL B 105 1.71 10.21 17.10
CA VAL B 105 1.59 9.86 18.50
C VAL B 105 0.31 9.07 18.75
N TYR B 106 0.53 7.79 19.07
CA TYR B 106 -0.55 6.90 19.43
C TYR B 106 -0.85 7.12 20.91
N LEU B 107 -2.15 7.26 21.20
CA LEU B 107 -2.59 7.44 22.55
C LEU B 107 -3.66 6.42 22.92
N MET B 108 -3.29 5.62 23.92
CA MET B 108 -4.13 4.54 24.38
C MET B 108 -4.15 4.57 25.90
N THR B 109 -5.14 5.26 26.45
CA THR B 109 -5.21 5.34 27.90
C THR B 109 -6.67 5.27 28.33
N LYS B 110 -6.84 4.80 29.56
CA LYS B 110 -8.03 5.07 30.35
C LYS B 110 -8.30 6.57 30.48
N VAL B 111 -9.55 6.90 30.76
CA VAL B 111 -9.96 8.23 31.12
C VAL B 111 -9.10 8.62 32.31
N HIS B 112 -8.33 9.67 32.19
CA HIS B 112 -7.31 10.01 33.16
C HIS B 112 -6.84 11.43 32.87
N PRO B 113 -6.52 12.23 33.91
CA PRO B 113 -6.08 13.61 33.70
C PRO B 113 -4.99 13.69 32.64
N MET B 114 -4.11 12.70 32.60
CA MET B 114 -3.01 12.74 31.66
C MET B 114 -3.53 12.57 30.24
N HIS B 115 -4.73 12.01 30.03
CA HIS B 115 -5.27 11.92 28.66
C HIS B 115 -5.52 13.34 28.12
N TRP B 116 -6.04 14.20 29.01
CA TRP B 116 -6.40 15.57 28.67
C TRP B 116 -5.10 16.36 28.44
N ALA B 117 -4.07 16.07 29.26
CA ALA B 117 -2.78 16.74 29.13
C ALA B 117 -2.17 16.45 27.76
N VAL B 118 -2.35 15.20 27.30
CA VAL B 118 -1.70 14.75 26.09
C VAL B 118 -2.41 15.35 24.88
N PHE B 119 -3.75 15.36 24.90
CA PHE B 119 -4.54 16.08 23.90
C PHE B 119 -4.02 17.52 23.73
N LEU B 120 -3.80 18.22 24.85
CA LEU B 120 -3.27 19.57 24.82
C LEU B 120 -1.89 19.60 24.19
N ALA B 121 -0.92 18.91 24.81
CA ALA B 121 0.43 18.83 24.26
C ALA B 121 0.39 18.75 22.73
N VAL B 122 -0.41 17.82 22.21
CA VAL B 122 -0.45 17.51 20.79
C VAL B 122 -0.98 18.68 19.98
N ILE B 123 -2.06 19.32 20.41
CA ILE B 123 -2.57 20.47 19.68
C ILE B 123 -1.56 21.64 19.73
N LYS B 124 -0.96 21.78 20.91
CA LYS B 124 -0.01 22.83 21.17
C LYS B 124 1.24 22.60 20.32
N GLY B 125 1.72 21.36 20.23
CA GLY B 125 2.94 21.05 19.50
C GLY B 125 2.74 20.69 18.04
N GLY B 126 1.48 20.74 17.55
CA GLY B 126 1.17 20.56 16.14
C GLY B 126 1.41 19.14 15.65
N PHE B 127 1.45 18.19 16.59
CA PHE B 127 1.69 16.79 16.27
C PHE B 127 0.43 16.09 15.76
N VAL B 128 0.61 14.91 15.17
CA VAL B 128 -0.48 14.07 14.69
C VAL B 128 -0.77 12.97 15.69
N MET B 129 -1.94 13.02 16.33
CA MET B 129 -2.24 12.00 17.32
C MET B 129 -3.25 11.04 16.74
N VAL B 130 -3.11 9.79 17.17
CA VAL B 130 -3.99 8.70 16.80
C VAL B 130 -4.61 8.21 18.08
N PRO B 131 -5.84 8.62 18.40
CA PRO B 131 -6.52 8.10 19.59
C PRO B 131 -6.86 6.61 19.34
N SER B 132 -6.46 5.81 20.32
CA SER B 132 -6.50 4.36 20.22
C SER B 132 -7.26 3.81 21.43
N ALA B 133 -8.31 3.02 21.13
CA ALA B 133 -9.20 2.51 22.17
C ALA B 133 -8.44 1.51 23.00
N THR B 134 -8.95 1.18 24.19
CA THR B 134 -8.26 0.23 25.05
C THR B 134 -8.81 -1.20 24.86
N ASN B 135 -9.81 -1.38 23.98
CA ASN B 135 -10.34 -2.68 23.63
C ASN B 135 -9.42 -3.41 22.65
N LEU B 136 -8.64 -2.60 21.95
CA LEU B 136 -7.94 -2.99 20.74
C LEU B 136 -6.86 -4.01 21.09
N THR B 137 -6.78 -4.98 20.18
CA THR B 137 -6.02 -6.19 20.37
C THR B 137 -4.69 -5.95 19.68
N VAL B 138 -3.70 -6.73 20.09
CA VAL B 138 -2.39 -6.66 19.48
C VAL B 138 -2.53 -6.70 17.97
N ALA B 139 -3.34 -7.63 17.48
CA ALA B 139 -3.62 -7.73 16.05
C ALA B 139 -4.01 -6.37 15.47
N GLU B 140 -5.03 -5.74 16.06
CA GLU B 140 -5.48 -4.45 15.60
C GLU B 140 -4.36 -3.39 15.64
N MET B 141 -3.56 -3.38 16.70
CA MET B 141 -2.52 -2.37 16.81
C MET B 141 -1.46 -2.56 15.71
N LYS B 142 -1.18 -3.82 15.36
CA LYS B 142 -0.16 -4.10 14.37
C LYS B 142 -0.63 -3.63 12.99
N TYR B 143 -1.94 -3.72 12.76
CA TYR B 143 -2.52 -3.21 11.53
C TYR B 143 -2.28 -1.71 11.49
N ARG B 144 -2.69 -1.02 12.57
CA ARG B 144 -2.62 0.44 12.63
C ARG B 144 -1.19 0.92 12.36
N PHE B 145 -0.20 0.31 13.05
CA PHE B 145 1.19 0.66 12.85
C PHE B 145 1.63 0.43 11.41
N SER B 146 1.23 -0.72 10.88
CA SER B 146 1.53 -1.01 9.50
C SER B 146 1.05 0.13 8.61
N ASP B 147 -0.07 0.80 8.94
CA ASP B 147 -0.65 1.84 8.10
C ASP B 147 0.07 3.16 8.36
N LEU B 148 0.07 3.61 9.62
CA LEU B 148 0.75 4.82 10.02
C LEU B 148 1.78 4.52 11.10
N LYS B 149 3.04 4.44 10.69
CA LYS B 149 4.12 4.04 11.60
C LYS B 149 4.27 5.08 12.70
N PRO B 150 4.46 4.66 13.98
CA PRO B 150 4.49 5.60 15.10
C PRO B 150 5.84 6.21 15.45
N SER B 151 5.83 7.51 15.74
CA SER B 151 7.00 8.18 16.29
C SER B 151 6.99 8.00 17.79
N ALA B 152 5.79 7.94 18.38
CA ALA B 152 5.65 7.93 19.82
C ALA B 152 4.46 7.10 20.25
N ILE B 153 4.56 6.54 21.46
CA ILE B 153 3.57 5.64 22.03
C ILE B 153 3.31 6.07 23.47
N ILE B 154 2.04 6.20 23.84
CA ILE B 154 1.69 6.54 25.20
C ILE B 154 0.55 5.65 25.65
N SER B 155 0.69 5.04 26.84
CA SER B 155 -0.27 4.05 27.31
C SER B 155 -0.40 4.11 28.81
N ASP B 156 -1.51 3.63 29.33
CA ASP B 156 -1.63 3.40 30.75
C ASP B 156 -0.96 2.07 31.05
N SER B 157 -0.74 1.81 32.35
CA SER B 157 0.05 0.65 32.71
C SER B 157 -0.55 -0.63 32.12
N LEU B 158 -1.89 -0.77 32.13
CA LEU B 158 -2.57 -2.02 31.81
C LEU B 158 -2.56 -2.29 30.32
N ARG B 159 -2.68 -1.26 29.51
CA ARG B 159 -2.66 -1.44 28.08
C ARG B 159 -1.24 -1.52 27.51
N ALA B 160 -0.21 -1.49 28.38
CA ALA B 160 1.14 -1.35 27.89
C ALA B 160 1.62 -2.64 27.24
N SER B 161 1.31 -3.74 27.89
CA SER B 161 1.80 -5.02 27.41
C SER B 161 1.36 -5.27 25.95
N VAL B 162 0.09 -4.96 25.63
CA VAL B 162 -0.44 -4.98 24.28
C VAL B 162 0.37 -4.10 23.30
N MET B 163 0.66 -2.84 23.63
CA MET B 163 1.41 -1.97 22.72
C MET B 163 2.79 -2.57 22.43
N GLU B 164 3.43 -3.09 23.48
CA GLU B 164 4.79 -3.57 23.33
C GLU B 164 4.81 -4.67 22.30
N GLU B 165 3.87 -5.60 22.45
CA GLU B 165 3.82 -6.78 21.63
C GLU B 165 3.52 -6.41 20.18
N ALA B 166 2.64 -5.43 19.97
CA ALA B 166 2.29 -4.95 18.64
C ALA B 166 3.46 -4.29 17.92
N LEU B 167 4.32 -3.58 18.67
CA LEU B 167 5.44 -2.90 18.03
C LEU B 167 6.39 -3.91 17.42
N GLY B 168 6.56 -5.01 18.15
CA GLY B 168 7.65 -5.94 17.86
C GLY B 168 8.95 -5.16 17.69
N SER B 169 9.61 -5.33 16.53
CA SER B 169 10.96 -4.83 16.35
C SER B 169 11.05 -3.31 16.37
N LEU B 170 10.02 -2.59 15.88
CA LEU B 170 10.00 -1.14 15.83
C LEU B 170 10.57 -0.56 17.11
N LYS B 171 11.52 0.37 16.90
CA LYS B 171 12.06 1.22 17.93
C LYS B 171 11.52 2.63 17.72
N VAL B 172 10.93 3.14 18.80
CA VAL B 172 10.15 4.36 18.85
C VAL B 172 10.10 4.78 20.31
N GLU B 173 9.65 6.03 20.53
CA GLU B 173 9.54 6.58 21.87
C GLU B 173 8.35 5.96 22.57
N LYS B 174 8.58 5.53 23.81
CA LYS B 174 7.60 4.80 24.58
C LYS B 174 7.36 5.51 25.90
N PHE B 175 6.10 5.89 26.17
CA PHE B 175 5.80 6.63 27.38
C PHE B 175 4.58 6.05 28.08
N LEU B 176 4.54 6.30 29.40
CA LEU B 176 3.50 5.73 30.22
C LEU B 176 2.89 6.83 31.08
N ILE B 177 1.66 6.60 31.53
CA ILE B 177 0.95 7.45 32.48
C ILE B 177 1.17 6.95 33.92
N ASP B 178 1.62 5.69 34.11
CA ASP B 178 1.94 5.12 35.42
C ASP B 178 3.46 4.79 35.45
N GLY B 179 3.91 3.82 36.28
CA GLY B 179 5.33 3.48 36.41
C GLY B 179 5.58 2.03 36.02
N LYS B 180 6.61 1.75 35.18
CA LYS B 180 6.72 0.45 34.50
C LYS B 180 8.18 0.13 34.29
N ARG B 181 8.48 -1.08 33.81
CA ARG B 181 9.78 -1.74 34.03
C ARG B 181 10.88 -1.18 33.13
N GLU B 182 10.57 -0.86 31.88
CA GLU B 182 11.56 -0.87 30.81
C GLU B 182 11.16 0.18 29.80
N THR B 183 12.05 1.08 29.37
CA THR B 183 11.72 2.03 28.32
C THR B 183 10.34 2.66 28.56
N TRP B 184 9.99 2.93 29.82
CA TRP B 184 8.73 3.57 30.13
C TRP B 184 9.04 4.81 30.97
N ASN B 185 9.20 5.94 30.26
CA ASN B 185 9.58 7.19 30.86
C ASN B 185 8.29 7.98 31.05
N SER B 186 8.15 8.61 32.23
CA SER B 186 6.98 9.42 32.50
C SER B 186 7.09 10.71 31.69
N LEU B 187 5.94 11.22 31.28
CA LEU B 187 5.84 12.44 30.49
C LEU B 187 6.17 13.69 31.35
N GLU B 188 5.94 13.63 32.65
CA GLU B 188 6.11 14.83 33.43
C GLU B 188 7.58 15.02 33.78
N ASP B 189 8.25 16.05 33.21
CA ASP B 189 9.65 16.35 33.51
C ASP B 189 9.96 17.85 33.45
N GLU B 190 9.78 18.50 32.30
CA GLU B 190 10.15 19.91 32.19
C GLU B 190 8.99 20.83 31.78
N SER B 191 8.64 21.81 32.62
CA SER B 191 7.63 22.81 32.25
C SER B 191 8.11 23.67 31.08
N SER B 192 9.41 24.01 31.13
CA SER B 192 10.07 24.85 30.12
C SER B 192 10.22 24.07 28.82
N ASN B 193 10.24 24.82 27.69
CA ASN B 193 10.19 24.27 26.34
C ASN B 193 8.72 24.06 25.91
N ALA B 194 7.83 24.85 26.55
CA ALA B 194 6.40 24.84 26.25
C ALA B 194 6.11 26.07 25.39
N GLU B 195 6.68 26.05 24.20
CA GLU B 195 6.45 27.07 23.19
C GLU B 195 5.46 26.55 22.16
N PRO B 196 4.35 27.28 21.87
CA PRO B 196 3.45 26.90 20.78
C PRO B 196 4.25 26.60 19.53
N GLU B 197 3.78 25.58 18.79
CA GLU B 197 4.08 25.47 17.38
C GLU B 197 3.10 26.38 16.63
N ASP B 198 3.66 27.20 15.74
CA ASP B 198 2.83 28.02 14.89
C ASP B 198 2.18 27.10 13.86
N THR B 199 1.00 26.59 14.17
CA THR B 199 0.43 25.65 13.22
C THR B 199 -0.59 26.40 12.37
N ARG B 200 -0.67 26.05 11.07
CA ARG B 200 -1.67 26.55 10.15
C ARG B 200 -3.03 25.93 10.47
N GLY B 201 -4.12 26.67 10.32
CA GLY B 201 -5.47 26.15 10.56
C GLY B 201 -5.64 24.82 9.85
N GLU B 202 -5.10 24.72 8.64
CA GLU B 202 -5.31 23.60 7.71
C GLU B 202 -4.29 22.47 7.94
N ASP B 203 -3.46 22.60 8.98
CA ASP B 203 -2.59 21.55 9.47
C ASP B 203 -3.40 20.50 10.20
N VAL B 204 -3.00 19.25 9.94
CA VAL B 204 -3.53 18.07 10.58
C VAL B 204 -2.92 17.88 11.98
N ILE B 205 -3.76 17.44 12.92
CA ILE B 205 -3.30 17.13 14.27
C ILE B 205 -3.83 15.80 14.78
N ILE B 206 -4.91 15.30 14.17
CA ILE B 206 -5.57 14.07 14.61
C ILE B 206 -5.89 13.20 13.41
N ASN B 207 -5.64 11.90 13.60
CA ASN B 207 -5.94 10.83 12.66
C ASN B 207 -6.73 9.76 13.43
N TYR B 208 -8.05 9.68 13.15
CA TYR B 208 -8.97 8.70 13.71
C TYR B 208 -9.02 7.48 12.76
N PHE B 209 -8.84 6.26 13.27
CA PHE B 209 -8.96 5.09 12.41
C PHE B 209 -10.41 4.64 12.35
N THR B 210 -11.16 5.14 11.38
CA THR B 210 -12.58 4.86 11.26
C THR B 210 -12.88 3.66 10.36
N SER B 211 -13.92 2.89 10.71
CA SER B 211 -14.37 1.72 9.96
C SER B 211 -15.17 2.18 8.74
N GLY B 212 -14.88 1.54 7.61
CA GLY B 212 -15.60 1.77 6.37
C GLY B 212 -16.32 0.50 5.95
N THR B 213 -17.35 0.69 5.12
CA THR B 213 -18.06 -0.45 4.53
C THR B 213 -17.08 -1.36 3.76
N THR B 214 -16.46 -0.86 2.68
CA THR B 214 -15.84 -1.68 1.65
C THR B 214 -14.65 -2.44 2.21
N GLY B 215 -13.84 -1.84 3.09
CA GLY B 215 -12.57 -2.46 3.37
C GLY B 215 -12.15 -2.36 4.84
N MET B 216 -10.82 -2.50 4.98
CA MET B 216 -10.14 -2.34 6.26
C MET B 216 -10.23 -0.88 6.69
N PRO B 217 -10.28 -0.59 8.01
CA PRO B 217 -10.49 0.77 8.49
C PRO B 217 -9.34 1.64 8.05
N LYS B 218 -9.64 2.86 7.58
CA LYS B 218 -8.63 3.84 7.18
C LYS B 218 -8.72 5.04 8.14
N ARG B 219 -7.97 6.11 7.85
CA ARG B 219 -7.84 7.23 8.77
C ARG B 219 -8.60 8.44 8.26
N VAL B 220 -9.45 9.02 9.13
CA VAL B 220 -10.00 10.34 8.88
C VAL B 220 -9.12 11.40 9.54
N ILE B 221 -8.94 12.49 8.80
CA ILE B 221 -7.86 13.44 9.03
C ILE B 221 -8.47 14.79 9.43
N HIS B 222 -8.09 15.24 10.63
CA HIS B 222 -8.71 16.41 11.25
C HIS B 222 -7.63 17.46 11.54
N THR B 223 -7.93 18.71 11.18
CA THR B 223 -6.99 19.80 11.28
C THR B 223 -7.09 20.51 12.64
N ALA B 224 -6.22 21.51 12.82
CA ALA B 224 -6.16 22.36 14.00
C ALA B 224 -7.30 23.36 14.02
N VAL B 225 -8.20 23.28 13.01
CA VAL B 225 -9.41 24.08 12.96
C VAL B 225 -10.66 23.21 12.85
N SER B 226 -10.59 22.11 12.09
CA SER B 226 -11.76 21.25 11.86
C SER B 226 -12.46 20.88 13.15
N TYR B 227 -11.77 20.16 14.04
CA TYR B 227 -12.38 19.78 15.30
C TYR B 227 -12.32 20.94 16.28
N PRO B 228 -11.12 21.53 16.52
CA PRO B 228 -10.94 22.54 17.59
C PRO B 228 -11.93 23.68 17.57
N VAL B 229 -12.43 24.02 16.37
CA VAL B 229 -13.42 25.08 16.27
C VAL B 229 -14.73 24.53 15.73
N GLY B 230 -14.68 23.65 14.73
CA GLY B 230 -15.90 23.05 14.25
C GLY B 230 -16.75 22.49 15.40
N SER B 231 -16.08 22.08 16.50
CA SER B 231 -16.80 21.46 17.61
C SER B 231 -17.90 22.40 18.13
N ILE B 232 -17.88 23.67 17.71
CA ILE B 232 -18.86 24.62 18.22
C ILE B 232 -20.27 24.16 17.84
N THR B 233 -20.37 23.48 16.69
CA THR B 233 -21.65 22.93 16.27
C THR B 233 -22.16 22.01 17.37
N THR B 234 -21.29 21.09 17.82
CA THR B 234 -21.65 20.15 18.88
C THR B 234 -22.18 20.93 20.07
N ALA B 235 -21.31 21.76 20.68
CA ALA B 235 -21.69 22.55 21.83
C ALA B 235 -23.04 23.27 21.63
N SER B 236 -23.21 23.89 20.45
CA SER B 236 -24.43 24.62 20.15
C SER B 236 -25.65 23.76 20.45
N ILE B 237 -25.61 22.49 20.01
CA ILE B 237 -26.77 21.62 20.15
C ILE B 237 -26.92 21.15 21.60
N VAL B 238 -25.80 20.94 22.32
CA VAL B 238 -25.88 20.38 23.66
C VAL B 238 -26.25 21.47 24.67
N GLY B 239 -25.69 22.67 24.53
CA GLY B 239 -26.01 23.77 25.43
C GLY B 239 -25.01 23.85 26.60
N VAL B 240 -23.72 23.70 26.30
CA VAL B 240 -22.67 23.69 27.31
C VAL B 240 -22.30 25.14 27.62
N ARG B 241 -22.28 25.50 28.92
CA ARG B 241 -21.95 26.85 29.38
C ARG B 241 -20.74 26.84 30.30
N GLU B 242 -20.25 28.06 30.60
CA GLU B 242 -19.05 28.25 31.39
C GLU B 242 -19.24 27.67 32.79
N SER B 243 -20.44 27.86 33.34
CA SER B 243 -20.76 27.47 34.71
C SER B 243 -20.75 25.96 34.86
N ASP B 244 -21.18 25.31 33.77
CA ASP B 244 -21.58 23.92 33.75
C ASP B 244 -20.50 22.95 34.19
N LEU B 245 -20.95 21.93 34.92
CA LEU B 245 -20.25 20.66 35.04
C LEU B 245 -20.67 19.71 33.92
N HIS B 246 -19.74 19.34 33.03
CA HIS B 246 -20.12 18.52 31.89
C HIS B 246 -19.57 17.10 32.03
N LEU B 247 -20.42 16.12 31.65
CA LEU B 247 -20.08 14.71 31.67
C LEU B 247 -20.45 14.08 30.33
N ASN B 248 -19.52 13.25 29.83
CA ASN B 248 -19.79 12.48 28.62
C ASN B 248 -19.44 11.03 28.89
N LEU B 249 -20.37 10.12 28.59
CA LEU B 249 -20.05 8.69 28.55
C LEU B 249 -19.54 8.31 27.15
N SER B 250 -18.23 8.37 26.98
CA SER B 250 -17.62 7.95 25.74
C SER B 250 -16.33 7.19 26.07
N ALA B 251 -15.87 6.29 25.19
CA ALA B 251 -14.62 5.60 25.41
C ALA B 251 -13.49 6.46 24.84
N THR B 252 -12.33 6.44 25.52
CA THR B 252 -11.14 7.01 24.92
C THR B 252 -10.87 6.27 23.61
N GLY B 253 -10.30 6.94 22.61
CA GLY B 253 -9.97 6.32 21.33
C GLY B 253 -10.96 6.66 20.21
N TRP B 254 -12.00 7.46 20.48
CA TRP B 254 -13.04 7.76 19.52
C TRP B 254 -13.35 9.25 19.53
N ALA B 255 -14.17 9.67 18.55
CA ALA B 255 -14.52 11.07 18.38
C ALA B 255 -15.36 11.61 19.53
N LYS B 256 -16.51 10.99 19.81
CA LYS B 256 -17.43 11.53 20.80
C LYS B 256 -16.65 12.01 22.03
N PHE B 257 -15.54 11.33 22.35
CA PHE B 257 -14.68 11.77 23.44
C PHE B 257 -14.18 13.17 23.14
N ALA B 258 -13.50 13.32 21.98
CA ALA B 258 -13.04 14.61 21.51
C ALA B 258 -14.19 15.60 21.53
N TRP B 259 -15.36 15.20 21.04
CA TRP B 259 -16.51 16.10 21.02
C TRP B 259 -16.92 16.55 22.42
N SER B 260 -17.56 15.70 23.24
CA SER B 260 -18.24 16.16 24.45
C SER B 260 -17.31 16.11 25.67
N SER B 261 -16.30 15.23 25.67
CA SER B 261 -15.43 15.15 26.82
C SER B 261 -14.37 16.24 26.73
N PHE B 262 -13.81 16.48 25.55
CA PHE B 262 -12.70 17.42 25.45
C PHE B 262 -13.12 18.79 24.91
N PHE B 263 -13.51 18.91 23.64
CA PHE B 263 -13.60 20.24 23.02
C PHE B 263 -14.82 20.99 23.51
N SER B 264 -16.01 20.44 23.34
CA SER B 264 -17.24 21.13 23.72
C SER B 264 -17.14 21.81 25.09
N PRO B 265 -16.72 21.16 26.21
CA PRO B 265 -16.69 21.83 27.51
C PRO B 265 -15.61 22.90 27.55
N LEU B 266 -14.42 22.55 27.03
CA LEU B 266 -13.25 23.41 27.16
C LEU B 266 -13.31 24.67 26.28
N LEU B 267 -14.16 24.64 25.24
CA LEU B 267 -14.39 25.83 24.42
C LEU B 267 -15.01 26.94 25.26
N VAL B 268 -15.98 26.58 26.08
CA VAL B 268 -16.76 27.53 26.86
C VAL B 268 -16.16 27.73 28.24
N GLY B 269 -15.02 27.08 28.56
CA GLY B 269 -14.37 27.18 29.87
C GLY B 269 -15.21 26.58 31.00
N ALA B 270 -15.94 25.50 30.67
CA ALA B 270 -16.73 24.75 31.63
C ALA B 270 -15.83 23.91 32.51
N THR B 271 -16.44 23.26 33.51
CA THR B 271 -15.77 22.22 34.30
C THR B 271 -16.08 20.83 33.73
N VAL B 272 -15.01 20.11 33.34
CA VAL B 272 -15.11 18.77 32.76
C VAL B 272 -15.24 17.74 33.87
N VAL B 273 -16.07 16.74 33.64
CA VAL B 273 -16.11 15.65 34.59
C VAL B 273 -15.79 14.35 33.85
N GLY B 274 -14.79 13.63 34.34
CA GLY B 274 -14.32 12.41 33.69
C GLY B 274 -14.41 11.25 34.66
N ILE B 275 -15.16 10.22 34.29
CA ILE B 275 -15.36 9.08 35.15
C ILE B 275 -14.81 7.85 34.44
N ASN B 276 -13.78 7.25 35.01
CA ASN B 276 -13.13 6.12 34.36
C ASN B 276 -13.53 4.85 35.09
N TYR B 277 -13.97 3.84 34.32
CA TYR B 277 -14.25 2.51 34.89
C TYR B 277 -13.71 1.44 33.94
N GLU B 278 -13.29 0.30 34.49
CA GLU B 278 -12.87 -0.81 33.64
C GLU B 278 -13.99 -1.84 33.61
N GLY B 279 -14.09 -2.50 32.46
CA GLY B 279 -15.10 -3.51 32.26
C GLY B 279 -16.48 -2.90 32.03
N LYS B 280 -17.48 -3.54 32.65
CA LYS B 280 -18.87 -3.26 32.35
C LYS B 280 -19.32 -2.04 33.14
N LEU B 281 -20.30 -1.33 32.55
CA LEU B 281 -20.85 -0.10 33.08
C LEU B 281 -21.69 -0.47 34.29
N ASP B 282 -21.27 0.04 35.45
CA ASP B 282 -22.12 -0.13 36.60
C ASP B 282 -23.22 0.92 36.50
N THR B 283 -24.28 0.60 35.77
CA THR B 283 -25.30 1.56 35.42
C THR B 283 -25.72 2.38 36.66
N ARG B 284 -26.00 1.75 37.80
CA ARG B 284 -26.46 2.48 38.97
C ARG B 284 -25.31 3.31 39.57
N ARG B 285 -24.20 2.64 39.91
CA ARG B 285 -23.04 3.26 40.54
C ARG B 285 -22.62 4.50 39.74
N TYR B 286 -22.67 4.40 38.41
CA TYR B 286 -22.33 5.52 37.54
C TYR B 286 -23.27 6.68 37.81
N LEU B 287 -24.59 6.48 37.65
CA LEU B 287 -25.56 7.55 37.88
C LEU B 287 -25.46 8.09 39.31
N GLY B 288 -25.10 7.25 40.26
CA GLY B 288 -24.83 7.72 41.60
C GLY B 288 -23.71 8.76 41.63
N GLU B 289 -22.63 8.50 40.90
CA GLU B 289 -21.54 9.45 40.75
C GLU B 289 -22.05 10.72 40.09
N VAL B 290 -22.91 10.56 39.09
CA VAL B 290 -23.43 11.73 38.40
C VAL B 290 -24.14 12.67 39.38
N GLU B 291 -25.01 12.11 40.22
CA GLU B 291 -25.81 12.86 41.16
C GLU B 291 -24.91 13.44 42.26
N ASN B 292 -23.97 12.61 42.69
CA ASN B 292 -23.12 12.89 43.83
C ASN B 292 -22.02 13.89 43.47
N LEU B 293 -21.78 14.13 42.18
CA LEU B 293 -20.83 15.14 41.72
C LEU B 293 -21.58 16.33 41.18
N GLY B 294 -22.92 16.26 41.11
CA GLY B 294 -23.76 17.39 40.75
C GLY B 294 -23.55 17.82 39.30
N VAL B 295 -23.51 16.85 38.37
CA VAL B 295 -23.25 17.18 36.98
C VAL B 295 -24.50 17.82 36.39
N THR B 296 -24.32 18.99 35.75
CA THR B 296 -25.42 19.76 35.21
C THR B 296 -25.60 19.52 33.72
N SER B 297 -24.54 19.12 33.01
CA SER B 297 -24.62 18.80 31.59
C SER B 297 -24.15 17.37 31.37
N PHE B 298 -24.99 16.53 30.75
CA PHE B 298 -24.65 15.13 30.56
C PHE B 298 -24.98 14.64 29.15
N CYS B 299 -23.99 14.05 28.44
CA CYS B 299 -24.27 13.39 27.17
C CYS B 299 -23.88 11.92 27.30
N ALA B 300 -24.79 11.06 26.82
CA ALA B 300 -24.57 9.63 26.91
C ALA B 300 -25.05 9.00 25.61
N PRO B 301 -24.34 7.97 25.07
CA PRO B 301 -24.82 7.25 23.89
C PRO B 301 -26.17 6.60 24.17
N PRO B 302 -27.10 6.48 23.20
CA PRO B 302 -28.36 5.77 23.41
C PRO B 302 -28.23 4.43 24.13
N THR B 303 -27.19 3.63 23.83
CA THR B 303 -27.06 2.31 24.44
C THR B 303 -27.05 2.42 25.97
N ALA B 304 -26.33 3.41 26.49
CA ALA B 304 -26.34 3.69 27.92
C ALA B 304 -27.74 4.05 28.46
N TRP B 305 -28.43 4.98 27.76
CA TRP B 305 -29.75 5.45 28.18
C TRP B 305 -30.67 4.25 28.36
N ARG B 306 -30.61 3.32 27.38
CA ARG B 306 -31.39 2.09 27.35
C ARG B 306 -31.18 1.32 28.64
N GLN B 307 -29.93 1.29 29.14
CA GLN B 307 -29.64 0.59 30.37
C GLN B 307 -30.15 1.34 31.61
N PHE B 308 -30.23 2.67 31.50
CA PHE B 308 -30.52 3.52 32.64
C PHE B 308 -31.99 3.39 33.04
N ILE B 309 -32.84 3.25 32.01
CA ILE B 309 -34.29 3.19 32.14
C ILE B 309 -34.72 2.03 33.05
N THR B 310 -34.00 0.90 32.95
CA THR B 310 -34.39 -0.36 33.54
C THR B 310 -34.26 -0.33 35.06
N LEU B 311 -33.62 0.72 35.61
CA LEU B 311 -33.34 0.82 37.03
C LEU B 311 -34.56 1.41 37.74
N ASP B 312 -34.59 1.20 39.05
CA ASP B 312 -35.52 1.94 39.89
C ASP B 312 -34.95 3.35 39.99
N LEU B 313 -35.54 4.24 39.17
CA LEU B 313 -35.10 5.62 39.06
C LEU B 313 -35.61 6.45 40.25
N ASP B 314 -36.59 5.95 41.00
CA ASP B 314 -37.01 6.65 42.20
C ASP B 314 -35.84 6.86 43.16
N GLN B 315 -34.77 6.06 43.09
CA GLN B 315 -33.64 6.20 44.02
C GLN B 315 -32.72 7.37 43.63
N PHE B 316 -33.08 8.14 42.60
CA PHE B 316 -32.27 9.25 42.12
C PHE B 316 -33.10 10.54 42.17
N ARG B 317 -32.43 11.62 42.56
CA ARG B 317 -33.00 12.96 42.61
C ARG B 317 -31.97 13.84 41.92
N PHE B 318 -32.05 13.98 40.61
CA PHE B 318 -30.94 14.61 39.91
C PHE B 318 -31.05 16.13 40.02
N GLU B 319 -30.54 16.62 41.16
CA GLU B 319 -30.99 17.86 41.77
C GLU B 319 -30.51 19.06 40.94
N ARG B 320 -29.26 19.00 40.47
CA ARG B 320 -28.62 20.09 39.77
C ARG B 320 -28.45 19.76 38.28
N LEU B 321 -29.26 18.86 37.73
CA LEU B 321 -29.04 18.43 36.36
C LEU B 321 -29.88 19.28 35.41
N ARG B 322 -29.23 19.88 34.41
CA ARG B 322 -29.90 20.84 33.54
C ARG B 322 -30.06 20.32 32.10
N SER B 323 -28.94 19.92 31.50
CA SER B 323 -28.83 19.53 30.11
C SER B 323 -28.55 18.02 30.05
N VAL B 324 -29.30 17.34 29.16
CA VAL B 324 -29.16 15.92 28.89
C VAL B 324 -29.26 15.68 27.39
N VAL B 325 -28.32 14.93 26.81
CA VAL B 325 -28.23 14.73 25.37
C VAL B 325 -27.86 13.28 25.03
N SER B 326 -27.80 12.95 23.71
CA SER B 326 -27.57 11.60 23.19
C SER B 326 -26.98 11.69 21.78
N ALA B 327 -26.12 10.75 21.41
CA ALA B 327 -25.62 10.74 20.04
C ALA B 327 -24.77 9.51 19.76
N GLY B 328 -24.74 9.09 18.48
CA GLY B 328 -24.06 7.88 18.06
C GLY B 328 -25.00 6.83 17.46
N GLU B 329 -26.26 6.79 17.92
CA GLU B 329 -27.24 5.79 17.50
C GLU B 329 -28.66 6.38 17.61
N PRO B 330 -29.73 5.71 17.12
CA PRO B 330 -31.09 6.22 17.30
C PRO B 330 -31.55 6.15 18.75
N LEU B 331 -32.43 7.08 19.12
CA LEU B 331 -32.99 7.15 20.46
C LEU B 331 -34.51 7.00 20.41
N ASN B 332 -35.00 5.83 20.83
CA ASN B 332 -36.43 5.56 20.76
C ASN B 332 -37.15 6.58 21.60
N PRO B 333 -38.27 7.16 21.14
CA PRO B 333 -39.09 8.05 21.96
C PRO B 333 -39.42 7.50 23.35
N GLU B 334 -39.73 6.21 23.42
CA GLU B 334 -40.08 5.52 24.66
C GLU B 334 -39.07 5.85 25.77
N VAL B 335 -37.77 5.83 25.44
CA VAL B 335 -36.70 6.16 26.38
C VAL B 335 -36.82 7.62 26.82
N ILE B 336 -37.06 8.53 25.87
CA ILE B 336 -37.11 9.95 26.17
C ILE B 336 -38.27 10.20 27.12
N LYS B 337 -39.36 9.46 26.88
CA LYS B 337 -40.61 9.61 27.61
C LYS B 337 -40.35 9.22 29.06
N ILE B 338 -39.73 8.06 29.25
CA ILE B 338 -39.55 7.53 30.58
C ILE B 338 -38.66 8.47 31.39
N TRP B 339 -37.59 8.97 30.79
CA TRP B 339 -36.71 9.88 31.47
C TRP B 339 -37.39 11.21 31.78
N LYS B 340 -38.09 11.76 30.79
CA LYS B 340 -38.89 12.96 30.99
C LYS B 340 -39.89 12.77 32.13
N ASP B 341 -40.72 11.71 32.05
CA ASP B 341 -41.66 11.36 33.11
C ASP B 341 -41.00 11.32 34.49
N LYS B 342 -39.82 10.71 34.62
CA LYS B 342 -39.22 10.55 35.94
C LYS B 342 -38.53 11.83 36.42
N PHE B 343 -38.07 12.71 35.51
CA PHE B 343 -37.17 13.79 35.90
C PHE B 343 -37.51 15.15 35.26
N ASN B 344 -38.46 15.16 34.32
CA ASN B 344 -38.93 16.38 33.72
C ASN B 344 -37.82 17.01 32.88
N LEU B 345 -36.94 16.16 32.33
CA LEU B 345 -35.93 16.54 31.37
C LEU B 345 -36.06 15.72 30.11
N THR B 346 -35.77 16.38 28.98
CA THR B 346 -35.74 15.71 27.69
C THR B 346 -34.30 15.43 27.29
N ILE B 347 -34.09 14.25 26.72
CA ILE B 347 -32.81 13.87 26.14
C ILE B 347 -32.82 14.25 24.65
N ARG B 348 -31.88 15.12 24.29
CA ARG B 348 -31.88 15.75 22.97
C ARG B 348 -30.94 15.00 22.02
N ASP B 349 -31.52 14.27 21.05
CA ASP B 349 -30.73 13.45 20.13
C ASP B 349 -30.02 14.38 19.14
N PHE B 350 -28.72 14.16 18.91
CA PHE B 350 -27.99 14.92 17.89
C PHE B 350 -27.19 13.93 17.02
N TYR B 351 -26.79 14.36 15.81
CA TYR B 351 -26.21 13.49 14.80
C TYR B 351 -24.87 14.06 14.31
N GLY B 352 -24.02 13.16 13.80
CA GLY B 352 -22.72 13.51 13.25
C GLY B 352 -21.84 12.27 13.20
N GLN B 353 -20.63 12.40 12.65
CA GLN B 353 -19.77 11.27 12.37
C GLN B 353 -18.34 11.59 12.79
N THR B 354 -17.50 10.59 12.96
CA THR B 354 -16.09 10.79 13.16
C THR B 354 -15.59 11.73 12.08
N GLU B 355 -16.14 11.60 10.87
CA GLU B 355 -15.69 12.41 9.76
C GLU B 355 -15.99 13.89 10.00
N THR B 356 -16.99 14.20 10.83
CA THR B 356 -17.41 15.59 10.99
C THR B 356 -17.51 15.97 12.47
N THR B 357 -18.17 17.12 12.72
CA THR B 357 -18.70 17.48 14.03
C THR B 357 -20.22 17.42 13.93
N ALA B 358 -20.91 17.87 14.99
CA ALA B 358 -22.36 17.80 15.07
C ALA B 358 -22.94 18.37 13.77
N MET B 359 -23.97 17.71 13.23
CA MET B 359 -24.51 18.08 11.92
C MET B 359 -25.97 18.46 12.06
N VAL B 360 -26.77 17.60 12.71
CA VAL B 360 -28.13 18.00 13.04
C VAL B 360 -28.46 17.61 14.47
N GLY B 361 -29.49 18.22 15.06
CA GLY B 361 -29.79 17.93 16.44
C GLY B 361 -30.97 18.73 16.97
N ASN B 362 -31.33 18.43 18.23
CA ASN B 362 -32.39 19.13 18.93
C ASN B 362 -31.69 20.13 19.85
N PHE B 363 -31.49 21.32 19.31
CA PHE B 363 -30.92 22.41 20.09
C PHE B 363 -31.77 22.64 21.35
N PRO B 364 -31.21 23.34 22.35
CA PRO B 364 -31.90 23.61 23.61
C PRO B 364 -33.18 24.40 23.41
N PHE B 365 -33.17 25.34 22.47
CA PHE B 365 -34.32 26.19 22.25
C PHE B 365 -35.24 25.58 21.21
N LEU B 366 -35.07 24.30 20.88
CA LEU B 366 -35.90 23.66 19.88
C LEU B 366 -36.86 22.66 20.54
N LYS B 367 -38.14 22.80 20.18
CA LYS B 367 -39.19 21.85 20.50
C LYS B 367 -38.77 20.48 19.96
N VAL B 368 -38.37 19.56 20.85
CA VAL B 368 -37.85 18.29 20.38
C VAL B 368 -39.02 17.54 19.78
N LYS B 369 -38.77 16.90 18.63
CA LYS B 369 -39.67 15.90 18.09
C LYS B 369 -39.05 14.55 18.43
N PRO B 370 -39.79 13.66 19.15
CA PRO B 370 -39.25 12.36 19.53
C PRO B 370 -38.77 11.52 18.33
N GLY B 371 -37.59 10.90 18.50
CA GLY B 371 -37.01 10.06 17.46
C GLY B 371 -36.47 10.83 16.25
N SER B 372 -36.99 12.05 16.04
CA SER B 372 -36.27 13.00 15.22
C SER B 372 -34.95 13.40 15.90
N MET B 373 -33.93 13.54 15.08
CA MET B 373 -32.68 14.07 15.54
C MET B 373 -32.82 15.59 15.58
N GLY B 374 -33.58 16.14 14.64
CA GLY B 374 -33.93 17.54 14.73
C GLY B 374 -33.63 18.26 13.44
N LYS B 375 -33.07 19.46 13.57
CA LYS B 375 -32.85 20.34 12.43
C LYS B 375 -31.34 20.52 12.27
N PRO B 376 -30.84 20.64 11.02
CA PRO B 376 -29.40 20.79 10.79
C PRO B 376 -28.80 22.07 11.37
N HIS B 377 -27.48 22.04 11.64
CA HIS B 377 -26.75 23.21 12.12
C HIS B 377 -26.44 24.14 10.94
N PRO B 378 -26.71 25.47 11.02
CA PRO B 378 -26.56 26.33 9.85
C PRO B 378 -25.13 26.39 9.28
N LEU B 379 -24.12 26.09 10.09
CA LEU B 379 -22.75 26.04 9.60
C LEU B 379 -22.48 24.86 8.66
N TYR B 380 -23.27 23.79 8.75
CA TYR B 380 -23.22 22.72 7.75
C TYR B 380 -24.28 22.97 6.68
N ASP B 381 -23.91 22.74 5.41
CA ASP B 381 -24.86 22.87 4.32
C ASP B 381 -25.42 21.49 4.03
N ILE B 382 -26.49 21.10 4.75
CA ILE B 382 -26.96 19.72 4.76
C ILE B 382 -27.97 19.51 3.63
N ARG B 383 -27.75 18.47 2.83
CA ARG B 383 -28.64 18.17 1.72
C ARG B 383 -29.08 16.72 1.80
N LEU B 384 -30.34 16.47 1.43
CA LEU B 384 -30.89 15.12 1.34
C LEU B 384 -31.07 14.78 -0.14
N LEU B 385 -30.18 13.95 -0.68
CA LEU B 385 -30.16 13.69 -2.10
C LEU B 385 -30.83 12.35 -2.39
N ASP B 386 -31.63 12.33 -3.47
CA ASP B 386 -32.09 11.08 -4.06
C ASP B 386 -30.95 10.49 -4.90
N ASP B 387 -31.20 9.33 -5.51
CA ASP B 387 -30.25 8.73 -6.41
C ASP B 387 -30.08 9.64 -7.61
N GLU B 388 -28.82 9.76 -8.08
CA GLU B 388 -28.41 10.76 -9.05
C GLU B 388 -28.59 12.16 -8.46
N GLY B 389 -28.26 12.29 -7.18
CA GLY B 389 -28.05 13.57 -6.52
C GLY B 389 -29.04 14.68 -6.92
N LYS B 390 -30.35 14.40 -6.85
CA LYS B 390 -31.35 15.47 -6.87
C LYS B 390 -31.84 15.75 -5.45
N GLU B 391 -31.49 16.92 -4.92
CA GLU B 391 -31.85 17.19 -3.54
C GLU B 391 -33.37 17.21 -3.45
N ILE B 392 -33.86 16.69 -2.32
CA ILE B 392 -35.27 16.44 -2.10
C ILE B 392 -35.98 17.73 -1.63
N THR B 393 -37.24 17.88 -2.06
CA THR B 393 -38.18 18.87 -1.53
C THR B 393 -39.25 18.15 -0.74
N LYS B 394 -39.92 17.20 -1.41
CA LYS B 394 -40.94 16.38 -0.80
C LYS B 394 -40.46 15.96 0.59
N PRO B 395 -41.22 16.33 1.64
CA PRO B 395 -40.72 16.11 3.00
C PRO B 395 -40.45 14.61 3.24
N TYR B 396 -41.52 13.82 3.13
CA TYR B 396 -41.59 12.48 3.66
C TYR B 396 -40.85 11.49 2.77
N GLU B 397 -40.01 11.97 1.87
CA GLU B 397 -39.30 11.10 0.96
C GLU B 397 -37.86 10.90 1.45
N VAL B 398 -37.39 9.64 1.34
CA VAL B 398 -36.13 9.18 1.91
C VAL B 398 -34.98 9.45 0.95
N GLY B 399 -33.77 9.69 1.46
CA GLY B 399 -32.59 9.78 0.61
C GLY B 399 -31.29 9.80 1.42
N HIS B 400 -30.15 9.90 0.71
CA HIS B 400 -28.82 9.95 1.32
C HIS B 400 -28.60 11.31 1.97
N ILE B 401 -27.76 11.32 3.02
CA ILE B 401 -27.43 12.53 3.76
C ILE B 401 -26.03 12.99 3.37
N THR B 402 -25.95 14.25 2.91
CA THR B 402 -24.76 14.77 2.28
C THR B 402 -24.47 16.18 2.75
N VAL B 403 -23.19 16.53 2.72
CA VAL B 403 -22.75 17.88 2.94
C VAL B 403 -22.44 18.49 1.58
N LYS B 404 -22.93 19.70 1.34
CA LYS B 404 -22.44 20.46 0.20
C LYS B 404 -21.05 21.03 0.53
N LEU B 405 -20.13 20.98 -0.44
CA LEU B 405 -18.76 21.48 -0.30
C LEU B 405 -18.56 22.84 -0.94
N ASN B 406 -19.55 23.39 -1.68
CA ASN B 406 -19.32 24.60 -2.47
C ASN B 406 -18.76 25.70 -1.55
N PRO B 407 -19.54 26.23 -0.58
CA PRO B 407 -18.93 26.79 0.64
C PRO B 407 -18.60 25.64 1.59
N ARG B 408 -17.31 25.36 1.83
CA ARG B 408 -16.92 24.09 2.43
C ARG B 408 -17.00 24.14 3.96
N PRO B 409 -18.00 23.51 4.64
CA PRO B 409 -18.19 23.69 6.08
C PRO B 409 -16.92 23.35 6.85
N ILE B 410 -16.62 24.18 7.84
CA ILE B 410 -15.60 23.83 8.80
C ILE B 410 -16.20 22.81 9.75
N GLY B 411 -15.32 21.96 10.27
CA GLY B 411 -15.73 20.79 11.02
C GLY B 411 -15.59 19.54 10.14
N LEU B 412 -15.71 19.72 8.82
CA LEU B 412 -15.55 18.62 7.89
C LEU B 412 -14.08 18.21 7.71
N PHE B 413 -13.72 17.01 8.18
CA PHE B 413 -12.40 16.40 8.04
C PHE B 413 -11.84 16.71 6.66
N LEU B 414 -10.52 16.87 6.61
CA LEU B 414 -9.80 17.15 5.38
C LEU B 414 -10.12 16.07 4.36
N GLY B 415 -10.23 14.82 4.82
CA GLY B 415 -10.48 13.68 3.95
C GLY B 415 -9.82 12.43 4.53
N TYR B 416 -10.07 11.27 3.88
CA TYR B 416 -9.58 9.98 4.32
C TYR B 416 -8.11 9.81 3.94
N SER B 417 -7.51 8.77 4.53
CA SER B 417 -6.14 8.36 4.26
C SER B 417 -6.04 7.59 2.93
N ASP B 418 -7.20 7.18 2.38
CA ASP B 418 -7.30 6.24 1.26
C ASP B 418 -8.09 6.91 0.14
N GLU B 419 -7.33 7.36 -0.85
CA GLU B 419 -7.75 8.33 -1.85
C GLU B 419 -8.93 7.77 -2.66
N LYS B 420 -9.11 6.45 -2.69
CA LYS B 420 -10.22 5.84 -3.44
C LYS B 420 -11.52 5.97 -2.65
N LYS B 421 -11.44 5.85 -1.32
CA LYS B 421 -12.60 6.13 -0.48
C LYS B 421 -12.92 7.61 -0.51
N ASN B 422 -11.89 8.44 -0.74
CA ASN B 422 -12.10 9.86 -1.04
C ASN B 422 -12.90 10.07 -2.31
N MET B 423 -12.58 9.29 -3.37
CA MET B 423 -13.29 9.38 -4.65
C MET B 423 -14.73 8.83 -4.53
N GLU B 424 -14.94 7.77 -3.74
CA GLU B 424 -16.28 7.23 -3.50
C GLU B 424 -17.18 8.18 -2.71
N SER B 425 -16.66 8.75 -1.60
CA SER B 425 -17.43 9.55 -0.65
C SER B 425 -17.69 10.96 -1.16
N PHE B 426 -16.63 11.61 -1.64
CA PHE B 426 -16.73 12.95 -2.23
C PHE B 426 -17.21 12.86 -3.70
N ARG B 427 -18.46 13.31 -3.95
CA ARG B 427 -19.04 13.31 -5.29
C ARG B 427 -19.48 14.70 -5.75
N GLU B 428 -18.53 15.44 -6.33
CA GLU B 428 -18.82 16.55 -7.23
C GLU B 428 -19.70 17.58 -6.56
N GLY B 429 -19.10 18.22 -5.58
CA GLY B 429 -19.76 19.27 -4.84
C GLY B 429 -20.50 18.70 -3.63
N TYR B 430 -20.38 17.40 -3.34
CA TYR B 430 -21.05 16.78 -2.20
C TYR B 430 -20.18 15.72 -1.52
N TYR B 431 -20.18 15.71 -0.19
CA TYR B 431 -19.62 14.62 0.59
C TYR B 431 -20.80 13.73 1.00
N TYR B 432 -20.59 12.41 0.90
CA TYR B 432 -21.58 11.42 1.33
C TYR B 432 -21.20 10.81 2.68
N THR B 433 -22.10 11.01 3.65
CA THR B 433 -22.10 10.27 4.91
C THR B 433 -22.59 8.85 4.68
N GLY B 434 -23.34 8.67 3.58
CA GLY B 434 -23.92 7.38 3.25
C GLY B 434 -25.25 7.15 3.95
N ASP B 435 -25.41 7.66 5.18
CA ASP B 435 -26.61 7.47 5.99
C ASP B 435 -27.84 7.99 5.25
N LYS B 436 -29.01 7.55 5.69
CA LYS B 436 -30.23 7.86 4.96
C LYS B 436 -31.29 8.35 5.92
N ALA B 437 -32.07 9.35 5.50
CA ALA B 437 -33.08 9.96 6.34
C ALA B 437 -34.19 10.56 5.48
N TYR B 438 -35.22 11.13 6.14
CA TYR B 438 -36.21 11.92 5.44
C TYR B 438 -36.50 13.21 6.20
N PHE B 439 -36.88 14.25 5.42
CA PHE B 439 -37.39 15.51 5.94
C PHE B 439 -38.77 15.33 6.56
N ASP B 440 -39.02 16.19 7.52
CA ASP B 440 -40.33 16.40 8.06
C ASP B 440 -40.87 17.64 7.38
N GLU B 441 -42.17 17.80 7.30
CA GLU B 441 -42.72 19.03 6.73
C GLU B 441 -41.92 20.20 7.25
N GLU B 442 -41.75 20.21 8.59
CA GLU B 442 -41.19 21.33 9.33
C GLU B 442 -39.65 21.33 9.31
N GLY B 443 -39.06 20.45 8.49
CA GLY B 443 -37.63 20.46 8.26
C GLY B 443 -36.88 19.71 9.34
N TYR B 444 -37.61 18.89 10.11
CA TYR B 444 -37.00 17.95 11.05
C TYR B 444 -36.36 16.81 10.27
N PHE B 445 -35.68 15.92 11.00
CA PHE B 445 -34.96 14.85 10.34
C PHE B 445 -35.10 13.55 11.13
N TYR B 446 -35.50 12.48 10.45
CA TYR B 446 -35.71 11.18 11.07
C TYR B 446 -34.76 10.18 10.41
N PHE B 447 -33.76 9.71 11.18
CA PHE B 447 -32.83 8.72 10.70
C PHE B 447 -33.56 7.42 10.41
N VAL B 448 -33.32 6.85 9.21
CA VAL B 448 -33.95 5.59 8.79
C VAL B 448 -32.94 4.44 8.83
N GLY B 449 -31.65 4.75 8.59
CA GLY B 449 -30.60 3.74 8.62
C GLY B 449 -29.42 4.09 7.71
N ARG B 450 -28.68 3.06 7.31
CA ARG B 450 -27.39 3.24 6.69
C ARG B 450 -27.45 2.69 5.28
N GLY B 451 -27.17 3.53 4.28
CA GLY B 451 -26.98 3.06 2.90
C GLY B 451 -25.83 2.05 2.77
N ASP B 452 -24.74 2.28 3.52
CA ASP B 452 -23.57 1.40 3.60
C ASP B 452 -23.99 -0.01 4.02
N ASP B 453 -23.00 -0.91 3.99
CA ASP B 453 -23.06 -2.16 4.72
C ASP B 453 -22.34 -1.99 6.06
N VAL B 454 -22.62 -0.91 6.77
CA VAL B 454 -21.83 -0.66 7.97
C VAL B 454 -22.71 -1.04 9.15
N ILE B 455 -22.06 -1.57 10.17
CA ILE B 455 -22.75 -2.07 11.32
C ILE B 455 -22.40 -1.15 12.47
N LYS B 456 -23.36 -0.90 13.37
CA LYS B 456 -23.10 -0.09 14.54
C LYS B 456 -23.67 -0.80 15.76
N THR B 457 -22.77 -1.33 16.58
CA THR B 457 -23.21 -2.03 17.77
C THR B 457 -22.66 -1.31 19.03
N SER B 458 -23.58 -0.90 19.93
CA SER B 458 -23.21 -0.19 21.16
C SER B 458 -22.38 1.04 20.85
N ASP B 459 -22.80 1.83 19.87
CA ASP B 459 -22.10 3.07 19.54
C ASP B 459 -20.69 2.76 19.00
N TYR B 460 -20.45 1.49 18.62
CA TYR B 460 -19.21 1.14 17.97
C TYR B 460 -19.46 0.86 16.50
N ARG B 461 -18.79 1.60 15.63
CA ARG B 461 -19.00 1.50 14.20
C ARG B 461 -18.09 0.43 13.65
N VAL B 462 -18.67 -0.65 13.13
CA VAL B 462 -17.86 -1.78 12.70
C VAL B 462 -18.12 -2.02 11.23
N GLY B 463 -17.06 -2.23 10.46
CA GLY B 463 -17.17 -2.47 9.04
C GLY B 463 -16.93 -3.95 8.74
N PRO B 464 -17.61 -4.52 7.73
CA PRO B 464 -17.60 -5.97 7.53
C PRO B 464 -16.22 -6.58 7.32
N PHE B 465 -15.39 -5.95 6.49
CA PHE B 465 -14.18 -6.59 6.02
C PHE B 465 -13.25 -6.90 7.19
N GLU B 466 -13.25 -6.04 8.22
CA GLU B 466 -12.40 -6.23 9.40
C GLU B 466 -12.65 -7.60 9.98
N VAL B 467 -13.94 -7.95 10.11
CA VAL B 467 -14.37 -9.20 10.72
C VAL B 467 -14.20 -10.35 9.71
N GLU B 468 -14.56 -10.12 8.46
CA GLU B 468 -14.47 -11.16 7.47
C GLU B 468 -13.03 -11.64 7.36
N SER B 469 -12.10 -10.73 7.15
CA SER B 469 -10.70 -11.13 7.01
C SER B 469 -10.25 -11.83 8.29
N ALA B 470 -10.71 -11.37 9.45
CA ALA B 470 -10.38 -12.03 10.71
C ALA B 470 -10.84 -13.47 10.66
N LEU B 471 -11.99 -13.73 10.05
CA LEU B 471 -12.55 -15.08 10.04
C LEU B 471 -11.72 -16.01 9.18
N LEU B 472 -11.29 -15.51 8.02
CA LEU B 472 -10.51 -16.28 7.07
C LEU B 472 -9.18 -16.74 7.72
N GLU B 473 -8.80 -16.14 8.84
CA GLU B 473 -7.66 -16.59 9.61
C GLU B 473 -7.84 -18.00 10.17
N HIS B 474 -9.09 -18.43 10.42
CA HIS B 474 -9.34 -19.81 10.84
C HIS B 474 -9.08 -20.78 9.68
N PRO B 475 -8.32 -21.87 9.92
CA PRO B 475 -8.15 -22.92 8.93
C PRO B 475 -9.40 -23.36 8.16
N ALA B 476 -10.57 -23.41 8.83
CA ALA B 476 -11.76 -24.06 8.32
C ALA B 476 -12.65 -23.17 7.43
N VAL B 477 -12.24 -21.91 7.29
CA VAL B 477 -13.10 -20.92 6.65
C VAL B 477 -12.61 -20.61 5.25
N ALA B 478 -13.53 -20.81 4.30
CA ALA B 478 -13.27 -20.52 2.90
C ALA B 478 -13.93 -19.20 2.50
N GLU B 479 -15.11 -18.88 3.00
CA GLU B 479 -15.75 -17.59 2.73
C GLU B 479 -16.49 -17.09 3.98
N ALA B 480 -16.64 -15.77 4.07
CA ALA B 480 -17.37 -15.14 5.16
C ALA B 480 -18.15 -13.91 4.69
N ALA B 481 -19.19 -13.59 5.44
CA ALA B 481 -20.04 -12.46 5.15
C ALA B 481 -20.58 -11.96 6.46
N VAL B 482 -20.26 -10.68 6.80
CA VAL B 482 -20.64 -10.12 8.09
C VAL B 482 -21.70 -9.06 7.92
N VAL B 483 -22.76 -9.20 8.72
CA VAL B 483 -23.95 -8.38 8.57
C VAL B 483 -24.44 -7.89 9.94
N GLY B 484 -25.17 -6.77 9.92
CA GLY B 484 -25.87 -6.26 11.08
C GLY B 484 -27.26 -6.87 11.28
N VAL B 485 -27.47 -7.37 12.49
CA VAL B 485 -28.74 -7.94 12.89
C VAL B 485 -29.38 -6.95 13.85
N PRO B 486 -30.69 -6.66 13.77
CA PRO B 486 -31.34 -5.89 14.83
C PRO B 486 -31.15 -6.49 16.22
N ASP B 487 -30.91 -5.59 17.18
CA ASP B 487 -30.93 -5.89 18.60
C ASP B 487 -31.49 -4.64 19.31
N THR B 488 -32.17 -4.88 20.44
CA THR B 488 -32.91 -3.80 21.08
C THR B 488 -31.98 -3.05 22.02
N VAL B 489 -31.00 -3.73 22.62
CA VAL B 489 -30.21 -3.11 23.67
C VAL B 489 -29.05 -2.31 23.08
N ARG B 490 -28.18 -3.01 22.35
CA ARG B 490 -27.19 -2.43 21.45
C ARG B 490 -27.90 -2.33 20.12
N TRP B 491 -27.61 -1.36 19.27
CA TRP B 491 -28.62 -1.09 18.25
C TRP B 491 -28.69 -2.24 17.27
N GLN B 492 -27.49 -2.75 16.93
CA GLN B 492 -27.36 -3.91 16.07
C GLN B 492 -26.51 -4.99 16.75
N LEU B 493 -26.46 -6.17 16.12
CA LEU B 493 -25.59 -7.25 16.53
C LEU B 493 -24.78 -7.72 15.34
N VAL B 494 -23.64 -8.34 15.62
CA VAL B 494 -22.82 -8.85 14.53
C VAL B 494 -23.23 -10.30 14.20
N LYS B 495 -23.74 -10.53 12.98
CA LYS B 495 -23.91 -11.91 12.50
C LYS B 495 -22.85 -12.24 11.46
N ALA B 496 -22.36 -13.49 11.47
CA ALA B 496 -21.40 -13.94 10.44
C ALA B 496 -21.93 -15.20 9.75
N TYR B 497 -22.17 -15.09 8.44
CA TYR B 497 -22.39 -16.25 7.58
C TYR B 497 -21.05 -16.84 7.15
N ILE B 498 -20.89 -18.17 7.27
CA ILE B 498 -19.64 -18.85 6.93
C ILE B 498 -19.85 -20.07 6.03
N VAL B 499 -18.91 -20.22 5.10
CA VAL B 499 -18.86 -21.30 4.15
C VAL B 499 -17.54 -22.02 4.40
N LEU B 500 -17.65 -23.34 4.55
CA LEU B 500 -16.53 -24.15 5.01
C LEU B 500 -15.69 -24.69 3.85
N LYS B 501 -14.45 -25.05 4.18
CA LYS B 501 -13.68 -25.94 3.33
C LYS B 501 -14.24 -27.37 3.38
N LYS B 502 -13.88 -28.14 2.34
CA LYS B 502 -14.01 -29.58 2.35
C LYS B 502 -13.32 -30.20 3.56
N GLY B 503 -14.01 -31.13 4.22
CA GLY B 503 -13.46 -31.83 5.35
C GLY B 503 -14.05 -31.32 6.66
N TYR B 504 -14.07 -30.00 6.77
CA TYR B 504 -14.72 -29.39 7.89
C TYR B 504 -16.22 -29.62 7.75
N MET B 505 -16.79 -30.02 8.88
CA MET B 505 -18.22 -30.15 8.97
C MET B 505 -18.77 -29.05 9.89
N PRO B 506 -20.02 -28.59 9.60
CA PRO B 506 -20.67 -27.53 10.37
C PRO B 506 -21.10 -28.05 11.73
N SER B 507 -20.64 -27.43 12.83
CA SER B 507 -21.05 -27.86 14.15
C SER B 507 -21.01 -26.66 15.08
N LYS B 508 -21.92 -26.64 16.04
CA LYS B 508 -21.85 -25.75 17.16
C LYS B 508 -20.51 -25.82 17.86
N GLU B 509 -19.81 -26.95 17.83
CA GLU B 509 -18.52 -27.02 18.51
C GLU B 509 -17.50 -26.24 17.69
N LEU B 510 -17.59 -26.38 16.35
CA LEU B 510 -16.71 -25.64 15.45
C LEU B 510 -17.00 -24.13 15.51
N ALA B 511 -18.27 -23.75 15.49
CA ALA B 511 -18.63 -22.34 15.62
C ALA B 511 -17.96 -21.77 16.87
N GLU B 512 -18.05 -22.49 17.99
CA GLU B 512 -17.41 -22.12 19.25
C GLU B 512 -15.94 -21.84 18.98
N GLU B 513 -15.26 -22.80 18.35
CA GLU B 513 -13.82 -22.74 18.18
C GLU B 513 -13.43 -21.46 17.43
N ILE B 514 -14.08 -21.21 16.30
CA ILE B 514 -13.82 -20.04 15.46
C ILE B 514 -14.03 -18.74 16.25
N ARG B 515 -15.19 -18.64 16.88
CA ARG B 515 -15.51 -17.46 17.67
C ARG B 515 -14.41 -17.19 18.71
N GLU B 516 -13.87 -18.21 19.36
CA GLU B 516 -12.87 -17.97 20.41
C GLU B 516 -11.57 -17.49 19.75
N LYS B 517 -11.22 -18.00 18.58
CA LYS B 517 -10.12 -17.43 17.82
C LYS B 517 -10.36 -15.94 17.55
N MET B 518 -11.61 -15.58 17.16
CA MET B 518 -11.92 -14.20 16.84
C MET B 518 -11.79 -13.27 18.06
N LYS B 519 -12.15 -13.79 19.24
CA LYS B 519 -11.97 -13.06 20.48
C LYS B 519 -10.53 -12.58 20.54
N THR B 520 -9.61 -13.48 20.23
CA THR B 520 -8.18 -13.21 20.13
C THR B 520 -7.87 -12.01 19.23
N LEU B 521 -8.50 -11.90 18.07
CA LEU B 521 -8.03 -11.01 17.02
C LEU B 521 -8.80 -9.69 17.04
N LEU B 522 -10.09 -9.79 17.32
CA LEU B 522 -10.96 -8.66 17.13
C LEU B 522 -11.28 -8.04 18.48
N SER B 523 -11.58 -6.74 18.42
CA SER B 523 -12.13 -6.01 19.54
C SER B 523 -13.46 -6.66 19.92
N PRO B 524 -13.79 -6.70 21.22
CA PRO B 524 -14.93 -7.51 21.67
C PRO B 524 -16.25 -7.23 20.96
N TYR B 525 -16.57 -5.94 20.78
CA TYR B 525 -17.80 -5.51 20.14
C TYR B 525 -17.90 -6.11 18.73
N LYS B 526 -16.74 -6.51 18.18
CA LYS B 526 -16.67 -7.04 16.83
C LYS B 526 -16.83 -8.56 16.78
N VAL B 527 -16.53 -9.34 17.84
CA VAL B 527 -16.73 -10.78 17.78
C VAL B 527 -18.20 -11.05 17.47
N PRO B 528 -18.53 -11.78 16.37
CA PRO B 528 -19.92 -12.04 16.01
C PRO B 528 -20.64 -12.81 17.11
N ARG B 529 -21.84 -12.32 17.44
CA ARG B 529 -22.69 -12.95 18.44
C ARG B 529 -23.43 -14.12 17.79
N ILE B 530 -23.51 -14.15 16.44
CA ILE B 530 -24.15 -15.26 15.74
C ILE B 530 -23.23 -15.76 14.63
N ILE B 531 -23.08 -17.09 14.56
CA ILE B 531 -22.34 -17.75 13.48
C ILE B 531 -23.25 -18.74 12.78
N GLU B 532 -23.52 -18.54 11.48
CA GLU B 532 -24.32 -19.46 10.67
C GLU B 532 -23.47 -20.07 9.58
N PHE B 533 -23.42 -21.39 9.57
CA PHE B 533 -22.76 -22.09 8.50
C PHE B 533 -23.76 -22.25 7.37
N VAL B 534 -23.27 -21.90 6.17
CA VAL B 534 -24.04 -22.04 4.94
C VAL B 534 -23.18 -22.64 3.83
N ASP B 535 -23.87 -22.84 2.69
CA ASP B 535 -23.39 -23.53 1.51
C ASP B 535 -22.78 -22.50 0.57
N GLU B 536 -23.68 -21.60 0.16
CA GLU B 536 -23.41 -20.58 -0.84
C GLU B 536 -23.88 -19.23 -0.26
N LEU B 537 -23.07 -18.18 -0.50
CA LEU B 537 -23.44 -16.80 -0.22
C LEU B 537 -24.08 -16.15 -1.44
N PRO B 538 -25.10 -15.26 -1.31
CA PRO B 538 -25.78 -14.70 -2.49
C PRO B 538 -24.83 -13.71 -3.15
N LYS B 539 -24.75 -13.78 -4.49
CA LYS B 539 -23.86 -12.93 -5.24
C LYS B 539 -24.52 -12.45 -6.52
N THR B 540 -24.25 -11.19 -6.86
CA THR B 540 -24.56 -10.70 -8.19
C THR B 540 -23.64 -11.40 -9.18
N ILE B 541 -23.91 -11.19 -10.47
CA ILE B 541 -23.09 -11.79 -11.50
C ILE B 541 -21.63 -11.40 -11.29
N SER B 542 -21.35 -10.10 -11.12
CA SER B 542 -19.98 -9.63 -10.89
C SER B 542 -19.18 -10.58 -10.00
N GLY B 543 -19.81 -11.14 -8.96
CA GLY B 543 -19.10 -11.90 -7.96
C GLY B 543 -19.24 -11.25 -6.58
N LYS B 544 -19.81 -10.02 -6.55
CA LYS B 544 -20.07 -9.28 -5.33
C LYS B 544 -21.06 -10.05 -4.45
N ILE B 545 -20.80 -9.99 -3.14
CA ILE B 545 -21.67 -10.56 -2.13
C ILE B 545 -22.82 -9.60 -1.81
N ARG B 546 -24.06 -10.04 -2.04
CA ARG B 546 -25.24 -9.24 -1.75
C ARG B 546 -25.62 -9.40 -0.27
N ARG B 547 -24.91 -8.64 0.58
CA ARG B 547 -25.20 -8.58 2.00
C ARG B 547 -26.59 -8.00 2.28
N VAL B 548 -26.94 -6.96 1.55
CA VAL B 548 -28.32 -6.48 1.53
C VAL B 548 -29.29 -7.66 1.50
N GLU B 549 -29.04 -8.64 0.62
CA GLU B 549 -29.94 -9.75 0.37
C GLU B 549 -29.98 -10.64 1.60
N LEU B 550 -28.81 -10.80 2.24
CA LEU B 550 -28.74 -11.52 3.50
C LEU B 550 -29.64 -10.91 4.57
N ARG B 551 -29.63 -9.58 4.73
CA ARG B 551 -30.51 -8.89 5.68
C ARG B 551 -32.00 -9.05 5.34
N LYS B 552 -32.37 -8.99 4.05
CA LYS B 552 -33.76 -9.22 3.67
C LYS B 552 -34.17 -10.64 4.07
N ARG B 553 -33.24 -11.58 3.87
CA ARG B 553 -33.44 -12.96 4.25
C ARG B 553 -33.69 -13.02 5.76
N GLU B 554 -32.92 -12.25 6.52
CA GLU B 554 -33.02 -12.21 7.97
C GLU B 554 -34.33 -11.55 8.39
N GLU B 555 -34.82 -10.51 7.69
CA GLU B 555 -36.13 -9.94 7.99
C GLU B 555 -37.25 -10.98 7.87
N GLU B 556 -37.23 -11.76 6.77
CA GLU B 556 -38.17 -12.86 6.55
C GLU B 556 -38.09 -13.90 7.69
N LYS B 557 -36.86 -14.39 7.96
CA LYS B 557 -36.60 -15.32 9.04
C LYS B 557 -37.15 -14.80 10.37
N ARG B 558 -37.09 -13.49 10.62
CA ARG B 558 -37.42 -13.00 11.94
C ARG B 558 -38.93 -12.79 12.02
N LYS B 559 -39.61 -12.48 10.89
CA LYS B 559 -41.07 -12.48 10.86
C LYS B 559 -41.63 -13.86 11.20
N LYS B 560 -40.97 -14.93 10.72
CA LYS B 560 -41.46 -16.30 10.82
C LYS B 560 -40.90 -17.02 12.05
N GLY B 561 -39.79 -16.55 12.64
CA GLY B 561 -39.01 -17.39 13.53
C GLY B 561 -38.37 -18.60 12.81
N GLU B 562 -37.40 -18.34 11.92
CA GLU B 562 -36.51 -19.34 11.33
C GLU B 562 -35.13 -19.30 12.01
N VAL B 563 -34.38 -20.41 11.91
CA VAL B 563 -32.98 -20.61 12.30
C VAL B 563 -32.54 -21.87 11.53
N GLY B 564 -31.43 -21.93 10.80
CA GLY B 564 -31.12 -23.20 10.13
C GLY B 564 -30.07 -24.03 10.87
N GLN B 565 -28.85 -23.96 10.38
CA GLN B 565 -27.65 -24.30 11.14
C GLN B 565 -26.87 -23.06 11.63
N ASN B 566 -27.60 -22.02 12.11
CA ASN B 566 -27.01 -20.88 12.80
C ASN B 566 -26.77 -21.32 14.25
N GLU B 567 -25.74 -20.80 14.91
CA GLU B 567 -25.34 -21.30 16.22
C GLU B 567 -25.62 -20.30 17.36
N TYR B 568 -25.70 -18.97 17.11
CA TYR B 568 -26.18 -18.01 18.13
C TYR B 568 -25.25 -18.01 19.37
N VAL B 569 -24.02 -17.52 19.10
CA VAL B 569 -22.88 -17.39 20.01
C VAL B 569 -21.90 -18.57 19.69
C01 6R9 C . 12.55 -9.67 -19.66
C02 6R9 C . 12.29 -8.25 -19.25
C09 6R9 C . 9.45 -6.45 -17.04
C10 6R9 C . 8.50 -5.41 -17.57
C11 6R9 C . 7.04 -5.86 -17.64
C12 6R9 C . 6.47 -4.98 -18.75
C13 6R9 C . 7.66 -4.75 -19.68
C16 6R9 C . 8.23 -6.78 -21.12
C18 6R9 C . 7.02 -6.42 -22.84
C19 6R9 C . 6.80 -5.35 -21.99
C21 6R9 C . 5.37 -4.42 -23.39
C23 6R9 C . 6.34 -6.41 -24.09
N15 6R9 C . 7.59 -5.57 -20.89
N17 6R9 C . 7.94 -7.30 -22.28
N20 6R9 C . 5.97 -4.31 -22.20
N22 6R9 C . 5.50 -5.37 -24.32
N24 6R9 C . 6.46 -7.36 -25.01
O03 6R9 C . 12.35 -7.39 -20.07
O04 6R9 C . 11.97 -8.09 -17.92
O06 6R9 C . 11.83 -7.20 -15.37
O07 6R9 C . 13.23 -5.94 -17.11
O08 6R9 C . 10.78 -5.89 -16.97
O14 6R9 C . 8.84 -5.04 -18.95
O25 6R9 C . 6.01 -3.76 -18.25
O26 6R9 C . 6.37 -5.67 -16.39
P05 6R9 C . 12.06 -6.83 -16.80
N1A COA D . 29.69 2.22 -19.57
C2A COA D . 29.81 3.26 -20.41
N3A COA D . 28.85 3.98 -20.99
C4A COA D . 27.63 3.53 -20.63
C5A COA D . 27.34 2.49 -19.78
C6A COA D . 28.44 1.80 -19.23
N6A COA D . 28.31 0.79 -18.40
N7A COA D . 25.97 2.31 -19.64
C8A COA D . 25.44 3.23 -20.44
N9A COA D . 26.41 4.01 -21.05
C1B COA D . 26.22 5.16 -21.94
C2B COA D . 27.04 5.15 -23.24
O2B COA D . 28.24 5.89 -23.18
C3B COA D . 26.05 5.77 -24.21
O3B COA D . 25.87 7.17 -24.03
P3B COA D . 25.40 7.97 -25.36
O7A COA D . 25.28 9.41 -24.87
O8A COA D . 24.08 7.45 -25.88
O9A COA D . 26.50 7.79 -26.38
C4B COA D . 24.78 5.08 -23.77
O4B COA D . 24.86 5.16 -22.33
C5B COA D . 24.61 3.65 -24.24
O5B COA D . 23.62 3.02 -23.40
P1A COA D . 22.09 2.97 -23.92
O1A COA D . 21.67 4.29 -24.48
O2A COA D . 21.23 2.38 -22.85
O3A COA D . 22.22 2.01 -25.20
P2A COA D . 22.14 2.13 -26.81
O4A COA D . 21.16 3.19 -27.14
O5A COA D . 23.54 2.19 -27.33
O6A COA D . 21.45 0.71 -27.13
CBP COA D . 20.05 -0.90 -25.95
CCP COA D . 20.10 0.47 -26.64
CDP COA D . 18.59 -1.33 -25.83
CEP COA D . 20.86 -1.92 -26.77
CAP COA D . 20.63 -0.87 -24.55
OAP COA D . 19.80 -0.03 -23.78
C9P COA D . 20.72 -2.22 -23.86
O9P COA D . 21.65 -2.99 -24.13
N8P COA D . 19.77 -2.49 -22.96
C7P COA D . 19.73 -3.71 -22.16
C6P COA D . 18.46 -4.55 -22.31
C5P COA D . 18.34 -5.32 -21.02
O5P COA D . 19.16 -6.17 -20.71
N4P COA D . 17.30 -4.99 -20.23
C3P COA D . 17.34 -5.04 -18.79
C2P COA D . 16.15 -5.73 -18.17
S1P COA D . 15.82 -7.36 -18.87
C01 6R9 E . -19.92 10.47 16.79
C02 6R9 E . -20.22 9.19 16.03
C09 6R9 E . -21.02 7.57 12.79
C10 6R9 E . -22.39 7.02 12.47
C11 6R9 E . -23.24 7.84 11.51
C12 6R9 E . -24.65 7.35 11.85
C13 6R9 E . -24.57 7.07 13.34
C16 6R9 E . -24.57 9.14 14.81
C18 6R9 E . -26.66 9.35 15.24
C19 6R9 E . -26.54 8.26 14.42
C21 6R9 E . -28.73 7.92 14.46
C23 6R9 E . -27.97 9.72 15.66
N15 6R9 E . -25.20 8.10 14.15
N17 6R9 E . -25.40 9.90 15.46
N20 6R9 E . -27.56 7.50 13.98
N22 6R9 E . -29.00 8.96 15.25
N24 6R9 E . -28.23 10.76 16.45
O03 6R9 E . -21.20 8.54 16.31
O04 6R9 E . -19.33 8.82 15.01
O06 6R9 E . -18.02 7.34 13.35
O07 6R9 E . -18.70 6.34 15.54
O08 6R9 E . -20.45 6.86 13.91
O14 6R9 E . -23.20 6.97 13.67
O25 6R9 E . -24.97 6.15 11.19
O26 6R9 E . -22.85 7.57 10.17
P05 6R9 E . -19.01 7.28 14.43
N1A COA F . -11.77 -5.34 28.79
C2A COA F . -12.68 -6.05 29.46
N3A COA F . -13.97 -6.21 29.17
C4A COA F . -14.30 -5.57 28.04
C5A COA F . -13.48 -4.85 27.23
C6A COA F . -12.13 -4.71 27.64
N6A COA F . -11.22 -4.02 26.96
N7A COA F . -14.18 -4.35 26.14
C8A COA F . -15.42 -4.76 26.33
N9A COA F . -15.54 -5.50 27.45
C1B COA F . -16.73 -6.14 27.89
C2B COA F . -17.11 -5.87 29.35
O2B COA F . -16.54 -6.79 30.27
C3B COA F . -18.64 -6.03 29.25
O3B COA F . -19.04 -7.39 29.01
P3B COA F . -20.52 -7.73 28.39
O7A COA F . -20.81 -9.20 28.78
O8A COA F . -20.50 -7.48 26.86
O9A COA F . -21.42 -6.76 29.10
C4B COA F . -18.83 -5.18 28.02
O4B COA F . -17.80 -5.66 27.12
C5B COA F . -18.64 -3.70 28.24
O5B COA F . -18.50 -3.06 26.97
P1A COA F . -19.82 -2.52 26.24
O1A COA F . -20.84 -3.60 26.11
O2A COA F . -19.39 -1.78 25.03
O3A COA F . -20.36 -1.49 27.34
P2A COA F . -21.35 -1.52 28.62
O4A COA F . -22.30 -2.64 28.53
O5A COA F . -20.56 -1.42 29.88
O6A COA F . -22.13 -0.13 28.33
CBP COA F . -21.60 1.71 26.75
CCP COA F . -22.32 0.36 26.96
CDP COA F . -22.49 2.59 25.86
CEP COA F . -21.38 2.42 28.09
CAP COA F . -20.24 1.50 26.08
OAP COA F . -20.39 0.56 25.03
C9P COA F . -19.58 2.70 25.45
O9P COA F . -19.14 3.61 26.14
N8P COA F . -19.59 2.71 24.12
C7P COA F . -18.57 3.39 23.32
C6P COA F . -18.85 4.87 23.04
C5P COA F . -17.89 5.45 22.02
O5P COA F . -17.07 6.32 22.32
N4P COA F . -17.97 4.90 20.80
C3P COA F . -17.52 5.56 19.57
C2P COA F . -18.43 6.73 19.23
S1P COA F . -17.53 8.11 18.48
#